data_6B20
#
_entry.id   6B20
#
_cell.length_a   72.660
_cell.length_b   77.230
_cell.length_c   101.660
_cell.angle_alpha   90.00
_cell.angle_beta   109.80
_cell.angle_gamma   90.00
#
_symmetry.space_group_name_H-M   'P 1 21 1'
#
loop_
_entity.id
_entity.type
_entity.pdbx_description
1 polymer 'Guanine nucleotide-binding protein G(I)/G(S)/G(T) subunit beta-1'
2 polymer 'Guanine nucleotide-binding protein G(T) subunit gamma-T1'
3 polymer 'Nanobody against G protein beta gamma dimer'
4 non-polymer 'UNKNOWN ATOM OR ION'
5 non-polymer 'CHLORIDE ION'
6 water water
#
loop_
_entity_poly.entity_id
_entity_poly.type
_entity_poly.pdbx_seq_one_letter_code
_entity_poly.pdbx_strand_id
1 'polypeptide(L)'
;ELDQLRQEAEQLKNQIRDARKACADATLSQITNNIDPVGRIQMRTRRTLRGHLAKIYAMHWGTDSRLLLSASQDGKLIIW
DSYTTNKVHAIPLRSSWVMTCAYAPSGNYVACGGLDNICSIYNLKTREGNVRVSRELAGHTGYLSCCRFLDDNQIVTSSG
DTTCALWDIETGQQTTTFTGHTGDVMSLSLAPDTRLFVSGACDASAKLWDVREGMCRQTFTGHESDINAICFFPNGNAFA
TGSDDATCRLFDLRADQELMTYSHDNIICGITSVSFSKSGRLLLAGYDDFNCNVWDALKADRAGVLAGHDNRVSCLGVTD
DGMAVATGSWDSFLKIWN
;
A,B
2 'polypeptide(L)' EDLTEKDKLKMEVDQLKKEVTLERMLVSKCCEEFRDYVEERSGEDPLVKGIPEDKNPFKE C,D
3 'polypeptide(L)'
;QVQLVESGGGLVQAGGSLRLSCAASGSIFSINAMGWYRQAPGKQRELVAAITRGGRTNYADSVKGRFTLSRDNAKNTVYL
QMNSLKPEDTAVYYCNVGRSRGYWGQGTQVTVSS
;
E,F
#
loop_
_chem_comp.id
_chem_comp.type
_chem_comp.name
_chem_comp.formula
CL non-polymer 'CHLORIDE ION' 'Cl -1'
UNX non-polymer 'UNKNOWN ATOM OR ION' ?
#
# COMPACT_ATOMS: atom_id res chain seq x y z
N GLU A 1 30.63 19.48 40.61
CA GLU A 1 30.17 18.28 41.37
C GLU A 1 28.83 17.77 40.81
N LEU A 2 28.87 16.58 40.18
CA LEU A 2 27.67 15.93 39.65
C LEU A 2 26.66 15.52 40.75
N ASP A 3 27.13 15.27 41.97
CA ASP A 3 26.26 14.87 43.08
C ASP A 3 25.35 16.00 43.58
N GLN A 4 25.93 17.17 43.82
CA GLN A 4 25.19 18.32 44.36
C GLN A 4 24.16 18.87 43.38
N LEU A 5 24.38 18.66 42.08
CA LEU A 5 23.44 19.09 41.06
C LEU A 5 22.24 18.14 40.93
N ARG A 6 22.48 16.84 40.79
CA ARG A 6 21.38 15.83 40.73
C ARG A 6 20.48 15.86 41.99
N GLN A 7 21.11 16.15 43.12
CA GLN A 7 20.46 16.30 44.40
C GLN A 7 19.55 17.55 44.45
N GLU A 8 20.00 18.63 43.80
CA GLU A 8 19.24 19.88 43.68
C GLU A 8 18.08 19.76 42.68
N ALA A 9 18.39 19.23 41.50
CA ALA A 9 17.39 18.91 40.45
C ALA A 9 16.24 18.04 40.97
N GLU A 10 16.60 16.98 41.72
CA GLU A 10 15.63 16.10 42.40
C GLU A 10 14.69 16.89 43.33
N GLN A 11 15.27 17.75 44.16
CA GLN A 11 14.49 18.54 45.11
C GLN A 11 13.60 19.55 44.39
N LEU A 12 14.11 20.14 43.31
CA LEU A 12 13.32 21.06 42.50
C LEU A 12 12.19 20.36 41.75
N LYS A 13 12.41 19.13 41.28
CA LYS A 13 11.33 18.34 40.67
C LYS A 13 10.18 18.08 41.66
N ASN A 14 10.51 17.60 42.87
CA ASN A 14 9.52 17.35 43.95
C ASN A 14 8.73 18.61 44.31
N GLN A 15 9.41 19.74 44.32
CA GLN A 15 8.81 21.00 44.67
C GLN A 15 7.87 21.52 43.56
N ILE A 16 8.21 21.24 42.29
CA ILE A 16 7.32 21.54 41.16
C ILE A 16 6.09 20.61 41.23
N ARG A 17 6.31 19.33 41.50
CA ARG A 17 5.22 18.36 41.66
C ARG A 17 4.21 18.68 42.78
N ASP A 18 4.71 19.08 43.96
CA ASP A 18 3.85 19.45 45.09
C ASP A 18 3.08 20.74 44.80
N ALA A 19 3.73 21.72 44.17
CA ALA A 19 3.04 22.96 43.77
C ALA A 19 1.92 22.70 42.76
N ARG A 20 2.17 21.77 41.83
CA ARG A 20 1.17 21.36 40.83
C ARG A 20 0.05 20.58 41.47
N LYS A 21 0.41 19.60 42.30
CA LYS A 21 -0.56 18.81 43.09
C LYS A 21 -1.52 19.71 43.91
N ALA A 22 -1.00 20.72 44.60
CA ALA A 22 -1.84 21.65 45.38
C ALA A 22 -2.69 22.63 44.54
N CYS A 23 -2.52 22.60 43.21
CA CYS A 23 -3.41 23.33 42.27
C CYS A 23 -4.51 22.50 41.66
N ALA A 24 -4.31 21.17 41.59
CA ALA A 24 -5.25 20.27 40.91
C ALA A 24 -6.52 20.02 41.75
N ASP A 25 -7.31 21.07 41.91
CA ASP A 25 -8.46 21.07 42.84
C ASP A 25 -9.70 20.37 42.31
N ALA A 26 -9.72 20.03 41.02
CA ALA A 26 -10.91 19.49 40.34
C ALA A 26 -10.54 18.91 38.98
N THR A 27 -11.22 17.84 38.54
CA THR A 27 -11.01 17.27 37.19
C THR A 27 -11.91 17.91 36.11
N LEU A 28 -11.49 17.83 34.84
CA LEU A 28 -12.31 18.32 33.74
C LEU A 28 -13.67 17.58 33.68
N SER A 29 -13.67 16.29 34.01
CA SER A 29 -14.92 15.52 33.95
C SER A 29 -15.99 15.97 34.97
N GLN A 30 -15.55 16.48 36.13
CA GLN A 30 -16.45 17.14 37.09
C GLN A 30 -16.96 18.46 36.54
N ILE A 31 -16.06 19.24 35.95
CA ILE A 31 -16.40 20.56 35.43
C ILE A 31 -17.39 20.48 34.26
N THR A 32 -17.42 19.35 33.55
CA THR A 32 -18.26 19.20 32.37
C THR A 32 -19.36 18.20 32.61
N ASN A 33 -19.66 17.92 33.86
CA ASN A 33 -20.67 16.93 34.18
C ASN A 33 -22.08 17.35 33.74
N ASN A 34 -22.42 18.63 33.80
CA ASN A 34 -23.65 19.19 33.19
C ASN A 34 -23.73 19.10 31.67
N ILE A 35 -22.59 18.97 31.00
CA ILE A 35 -22.54 19.08 29.55
C ILE A 35 -22.92 17.73 28.99
N ASP A 36 -23.75 17.75 27.96
CA ASP A 36 -24.11 16.49 27.32
C ASP A 36 -23.12 16.07 26.25
N PRO A 37 -23.09 14.75 25.98
CA PRO A 37 -22.21 14.27 24.90
C PRO A 37 -22.58 14.93 23.59
N VAL A 38 -21.58 15.17 22.73
CA VAL A 38 -21.89 15.53 21.34
C VAL A 38 -22.58 14.35 20.67
N GLY A 39 -23.26 14.61 19.57
CA GLY A 39 -23.77 13.47 18.78
C GLY A 39 -22.73 12.41 18.38
N ARG A 40 -23.17 11.31 17.80
CA ARG A 40 -22.27 10.47 17.05
C ARG A 40 -21.73 11.38 15.92
N ILE A 41 -20.42 11.50 15.81
CA ILE A 41 -19.82 12.29 14.74
C ILE A 41 -19.49 11.31 13.59
N GLN A 42 -20.09 11.54 12.44
CA GLN A 42 -20.00 10.60 11.31
C GLN A 42 -19.65 11.38 10.05
N MET A 43 -18.35 11.69 9.93
CA MET A 43 -17.84 12.48 8.79
C MET A 43 -17.72 11.60 7.56
N ARG A 44 -17.87 12.19 6.39
CA ARG A 44 -17.83 11.43 5.15
C ARG A 44 -16.66 11.89 4.29
N THR A 45 -16.21 10.98 3.43
CA THR A 45 -15.14 11.26 2.49
C THR A 45 -15.72 12.08 1.36
N ARG A 46 -15.33 13.35 1.27
CA ARG A 46 -15.76 14.23 0.19
C ARG A 46 -14.79 14.17 -0.97
N ARG A 47 -13.49 14.05 -0.67
CA ARG A 47 -12.48 13.82 -1.70
C ARG A 47 -11.45 12.78 -1.37
N THR A 48 -10.98 12.14 -2.43
CA THR A 48 -9.83 11.30 -2.40
C THR A 48 -8.86 11.95 -3.38
N LEU A 49 -7.82 12.55 -2.83
CA LEU A 49 -6.73 13.13 -3.62
C LEU A 49 -5.76 11.99 -4.03
N ARG A 50 -5.85 11.61 -5.31
CA ARG A 50 -5.04 10.53 -5.94
C ARG A 50 -3.89 11.15 -6.70
N GLY A 51 -2.68 10.58 -6.54
CA GLY A 51 -1.48 11.12 -7.22
C GLY A 51 -0.15 10.67 -6.66
N HIS A 52 -0.01 10.70 -5.35
CA HIS A 52 1.20 10.19 -4.74
C HIS A 52 1.37 8.71 -5.02
N LEU A 53 2.63 8.28 -5.08
CA LEU A 53 2.96 6.91 -5.41
C LEU A 53 3.49 6.11 -4.26
N ALA A 54 3.66 6.73 -3.11
CA ALA A 54 4.14 5.98 -1.96
C ALA A 54 3.65 6.68 -0.70
N LYS A 55 4.06 6.18 0.44
CA LYS A 55 3.66 6.75 1.71
C LYS A 55 3.67 8.27 1.78
N ILE A 56 2.60 8.86 2.30
CA ILE A 56 2.59 10.29 2.58
C ILE A 56 3.03 10.41 4.02
N TYR A 57 3.95 11.35 4.29
CA TYR A 57 4.46 11.63 5.64
C TYR A 57 3.90 12.89 6.30
N ALA A 58 3.50 13.87 5.50
CA ALA A 58 3.01 15.11 6.10
C ALA A 58 2.06 15.85 5.19
N MET A 59 1.39 16.86 5.75
CA MET A 59 0.53 17.76 4.98
C MET A 59 0.22 19.00 5.79
N HIS A 60 -0.20 20.07 5.11
CA HIS A 60 -0.59 21.29 5.81
C HIS A 60 -1.56 22.13 4.99
N TRP A 61 -2.62 22.62 5.64
CA TRP A 61 -3.60 23.47 4.98
C TRP A 61 -3.07 24.87 4.78
N GLY A 62 -3.39 25.47 3.64
CA GLY A 62 -3.19 26.89 3.43
C GLY A 62 -4.25 27.65 4.21
N THR A 63 -4.00 28.92 4.48
CA THR A 63 -4.93 29.72 5.30
C THR A 63 -6.26 30.04 4.57
N ASP A 64 -6.31 29.89 3.25
CA ASP A 64 -7.56 30.04 2.50
C ASP A 64 -8.56 28.87 2.65
N SER A 65 -8.09 27.75 3.21
CA SER A 65 -8.86 26.54 3.48
C SER A 65 -9.27 25.76 2.22
N ARG A 66 -8.55 26.02 1.14
CA ARG A 66 -8.82 25.34 -0.10
C ARG A 66 -7.60 24.64 -0.61
N LEU A 67 -6.44 25.26 -0.46
CA LEU A 67 -5.21 24.69 -0.96
C LEU A 67 -4.49 23.99 0.15
N LEU A 68 -3.98 22.80 -0.14
CA LEU A 68 -3.17 22.09 0.83
C LEU A 68 -1.98 21.52 0.13
N LEU A 69 -0.92 21.25 0.89
CA LEU A 69 0.12 20.46 0.33
C LEU A 69 0.56 19.29 1.19
N SER A 70 1.15 18.31 0.48
CA SER A 70 1.44 17.00 0.98
C SER A 70 2.82 16.58 0.46
N ALA A 71 3.52 15.79 1.26
CA ALA A 71 4.90 15.41 0.98
C ALA A 71 5.01 13.92 1.13
N SER A 72 5.52 13.25 0.10
CA SER A 72 5.61 11.81 0.11
C SER A 72 7.05 11.34 -0.14
N GLN A 73 7.31 10.08 0.23
CA GLN A 73 8.58 9.44 -0.04
C GLN A 73 8.77 9.09 -1.54
N ASP A 74 7.71 9.31 -2.32
CA ASP A 74 7.76 9.20 -3.74
C ASP A 74 8.58 10.30 -4.40
N GLY A 75 9.01 11.32 -3.66
CA GLY A 75 9.84 12.39 -4.20
C GLY A 75 9.09 13.64 -4.61
N LYS A 76 7.81 13.72 -4.28
CA LYS A 76 6.97 14.84 -4.75
C LYS A 76 6.38 15.65 -3.62
N LEU A 77 6.20 16.91 -3.88
CA LEU A 77 5.58 17.83 -2.97
C LEU A 77 4.43 18.38 -3.78
N ILE A 78 3.22 17.92 -3.49
CA ILE A 78 2.04 18.26 -4.28
C ILE A 78 1.21 19.31 -3.57
N ILE A 79 0.94 20.43 -4.25
CA ILE A 79 -0.05 21.38 -3.80
C ILE A 79 -1.36 21.10 -4.50
N TRP A 80 -2.37 20.72 -3.72
CA TRP A 80 -3.69 20.38 -4.27
C TRP A 80 -4.69 21.52 -4.10
N ASP A 81 -5.64 21.60 -5.03
CA ASP A 81 -6.83 22.41 -4.83
C ASP A 81 -7.87 21.39 -4.41
N SER A 82 -8.17 21.39 -3.11
CA SER A 82 -9.06 20.41 -2.52
C SER A 82 -10.47 20.47 -3.10
N TYR A 83 -10.94 21.66 -3.50
CA TYR A 83 -12.29 21.82 -4.10
C TYR A 83 -12.43 21.01 -5.40
N THR A 84 -11.40 21.03 -6.25
CA THR A 84 -11.43 20.37 -7.57
C THR A 84 -10.73 19.00 -7.64
N THR A 85 -9.71 18.79 -6.80
CA THR A 85 -8.75 17.64 -6.87
C THR A 85 -7.62 17.83 -7.92
N ASN A 86 -7.64 18.96 -8.59
CA ASN A 86 -6.67 19.30 -9.60
C ASN A 86 -5.35 19.59 -8.87
N LYS A 87 -4.21 19.08 -9.37
CA LYS A 87 -2.93 19.42 -8.80
C LYS A 87 -2.47 20.78 -9.30
N VAL A 88 -2.25 21.73 -8.40
CA VAL A 88 -1.78 23.05 -8.80
C VAL A 88 -0.30 22.96 -9.12
N HIS A 89 0.45 22.15 -8.35
CA HIS A 89 1.89 21.94 -8.52
C HIS A 89 2.26 20.53 -8.13
N ALA A 90 3.32 20.01 -8.73
CA ALA A 90 3.89 18.70 -8.38
C ALA A 90 5.42 18.84 -8.42
N ILE A 91 5.98 19.33 -7.30
CA ILE A 91 7.37 19.75 -7.20
C ILE A 91 8.25 18.52 -6.92
N PRO A 92 9.26 18.27 -7.77
CA PRO A 92 10.15 17.14 -7.49
C PRO A 92 11.16 17.55 -6.45
N LEU A 93 11.41 16.66 -5.51
CA LEU A 93 12.28 16.92 -4.38
C LEU A 93 13.65 16.39 -4.67
N ARG A 94 14.65 17.08 -4.13
CA ARG A 94 16.04 16.63 -4.26
C ARG A 94 16.29 15.41 -3.37
N SER A 95 15.83 15.48 -2.12
CA SER A 95 15.81 14.33 -1.18
C SER A 95 14.37 13.83 -0.97
N SER A 96 14.12 12.58 -1.32
CA SER A 96 12.83 11.96 -1.07
C SER A 96 12.62 11.50 0.37
N TRP A 97 13.62 11.59 1.25
CA TRP A 97 13.43 11.11 2.60
C TRP A 97 12.72 12.21 3.39
N VAL A 98 11.49 12.50 2.99
CA VAL A 98 10.79 13.67 3.47
C VAL A 98 10.07 13.33 4.76
N MET A 99 9.96 14.29 5.67
CA MET A 99 9.25 14.09 6.97
C MET A 99 8.24 15.17 7.40
N THR A 100 8.31 16.34 6.77
CA THR A 100 7.40 17.40 7.09
C THR A 100 7.21 18.31 5.90
N CYS A 101 6.12 19.07 5.97
CA CYS A 101 5.90 20.20 5.11
C CYS A 101 5.00 21.23 5.78
N ALA A 102 5.01 22.43 5.21
CA ALA A 102 4.35 23.58 5.77
C ALA A 102 3.89 24.48 4.63
N TYR A 103 2.68 25.03 4.75
CA TYR A 103 2.16 26.05 3.84
C TYR A 103 2.24 27.38 4.57
N ALA A 104 2.90 28.35 3.95
CA ALA A 104 3.08 29.66 4.57
C ALA A 104 1.71 30.34 4.58
N PRO A 105 1.40 31.13 5.62
CA PRO A 105 0.19 31.93 5.72
C PRO A 105 -0.18 32.71 4.46
N SER A 106 0.82 33.32 3.83
CA SER A 106 0.64 34.18 2.66
C SER A 106 0.20 33.43 1.40
N GLY A 107 0.46 32.11 1.36
CA GLY A 107 0.20 31.29 0.19
C GLY A 107 1.34 31.29 -0.83
N ASN A 108 2.44 32.01 -0.52
CA ASN A 108 3.56 32.29 -1.45
C ASN A 108 4.70 31.27 -1.41
N TYR A 109 4.77 30.52 -0.32
CA TYR A 109 5.80 29.51 -0.15
C TYR A 109 5.28 28.24 0.55
N VAL A 110 5.99 27.15 0.32
CA VAL A 110 5.88 25.99 1.13
C VAL A 110 7.28 25.62 1.58
N ALA A 111 7.37 24.79 2.61
CA ALA A 111 8.64 24.29 3.15
C ALA A 111 8.54 22.81 3.36
N CYS A 112 9.69 22.17 3.46
CA CYS A 112 9.73 20.73 3.31
C CYS A 112 11.09 20.24 3.71
N GLY A 113 11.19 19.06 4.30
CA GLY A 113 12.50 18.46 4.58
C GLY A 113 12.36 17.20 5.37
N GLY A 114 13.49 16.61 5.74
CA GLY A 114 13.48 15.31 6.40
C GLY A 114 14.89 14.84 6.73
N LEU A 115 15.26 13.67 6.26
CA LEU A 115 16.55 13.06 6.64
C LEU A 115 17.76 13.67 5.94
N ASP A 116 17.49 14.63 5.04
CA ASP A 116 18.51 15.56 4.54
C ASP A 116 18.98 16.62 5.58
N ASN A 117 18.29 16.71 6.72
CA ASN A 117 18.57 17.65 7.80
C ASN A 117 18.46 19.11 7.32
N ILE A 118 17.64 19.39 6.31
CA ILE A 118 17.58 20.72 5.71
C ILE A 118 16.12 21.11 5.58
N CYS A 119 15.78 22.36 5.90
CA CYS A 119 14.46 22.88 5.63
C CYS A 119 14.49 23.73 4.37
N SER A 120 13.92 23.20 3.30
CA SER A 120 13.92 23.85 2.00
C SER A 120 12.68 24.71 1.79
N ILE A 121 12.85 25.96 1.39
CA ILE A 121 11.77 26.87 1.09
C ILE A 121 11.55 26.93 -0.41
N TYR A 122 10.30 26.79 -0.87
CA TYR A 122 9.97 26.78 -2.30
C TYR A 122 9.09 28.00 -2.66
N ASN A 123 9.47 28.77 -3.68
CA ASN A 123 8.75 29.98 -4.10
C ASN A 123 7.65 29.58 -5.06
N LEU A 124 6.42 29.98 -4.75
CA LEU A 124 5.29 29.44 -5.48
C LEU A 124 4.84 30.30 -6.65
N LYS A 125 4.88 31.64 -6.53
CA LYS A 125 4.54 32.49 -7.67
C LYS A 125 5.83 33.21 -7.98
N THR A 126 6.51 32.79 -9.05
CA THR A 126 7.79 33.39 -9.47
C THR A 126 7.59 34.31 -10.70
N ARG A 127 8.67 34.95 -11.18
CA ARG A 127 8.72 35.45 -12.56
C ARG A 127 8.93 34.25 -13.46
N GLU A 128 8.05 34.10 -14.44
CA GLU A 128 7.92 32.88 -15.27
C GLU A 128 7.41 31.67 -14.47
N GLY A 129 6.95 30.67 -15.19
CA GLY A 129 6.06 29.63 -14.64
C GLY A 129 6.61 28.62 -13.64
N ASN A 130 7.94 28.59 -13.42
CA ASN A 130 8.59 27.55 -12.58
C ASN A 130 8.43 27.72 -11.06
N VAL A 131 8.55 26.59 -10.36
CA VAL A 131 8.54 26.53 -8.89
C VAL A 131 9.92 26.05 -8.48
N ARG A 132 10.69 26.94 -7.87
CA ARG A 132 12.07 26.62 -7.48
C ARG A 132 12.38 26.93 -6.01
N VAL A 133 13.35 26.16 -5.49
CA VAL A 133 13.87 26.34 -4.13
C VAL A 133 14.52 27.70 -4.03
N SER A 134 13.95 28.57 -3.19
CA SER A 134 14.51 29.92 -2.95
C SER A 134 15.50 29.97 -1.79
N ARG A 135 15.55 28.93 -0.96
CA ARG A 135 16.42 28.93 0.20
C ARG A 135 16.49 27.52 0.76
N GLU A 136 17.69 27.08 1.14
CA GLU A 136 17.89 25.86 1.92
C GLU A 136 18.34 26.31 3.28
N LEU A 137 17.73 25.77 4.34
CA LEU A 137 18.07 26.17 5.69
C LEU A 137 18.84 25.06 6.34
N ALA A 138 20.16 25.20 6.34
CA ALA A 138 21.06 24.17 6.87
C ALA A 138 21.61 24.62 8.20
N GLY A 139 21.86 23.69 9.10
CA GLY A 139 22.40 23.96 10.43
C GLY A 139 22.12 22.87 11.44
N HIS A 140 20.94 22.26 11.34
CA HIS A 140 20.62 21.12 12.18
C HIS A 140 21.56 19.98 11.89
N THR A 141 21.92 19.22 12.92
CA THR A 141 22.79 18.06 12.73
C THR A 141 22.04 16.75 12.75
N GLY A 142 20.71 16.83 12.74
CA GLY A 142 19.83 15.66 12.68
C GLY A 142 18.62 16.01 11.85
N TYR A 143 17.75 15.02 11.68
CA TYR A 143 16.59 15.16 10.78
C TYR A 143 15.64 16.30 11.10
N LEU A 144 14.99 16.85 10.08
CA LEU A 144 13.94 17.84 10.24
C LEU A 144 12.63 17.09 10.49
N SER A 145 12.06 17.25 11.68
CA SER A 145 10.83 16.55 12.08
C SER A 145 9.57 17.37 11.75
N CYS A 146 9.65 18.69 11.92
CA CYS A 146 8.51 19.59 11.62
C CYS A 146 9.00 21.01 11.28
N CYS A 147 8.14 21.81 10.67
CA CYS A 147 8.50 23.21 10.42
C CYS A 147 7.23 24.01 10.26
N ARG A 148 7.23 25.25 10.76
CA ARG A 148 6.10 26.15 10.58
C ARG A 148 6.52 27.60 10.31
N PHE A 149 6.03 28.18 9.21
CA PHE A 149 6.24 29.59 8.90
C PHE A 149 5.52 30.48 9.93
N LEU A 150 6.15 31.58 10.30
CA LEU A 150 5.49 32.68 11.03
C LEU A 150 4.98 33.69 10.03
N ASP A 151 5.82 33.99 9.04
CA ASP A 151 5.50 34.86 7.90
C ASP A 151 6.41 34.43 6.72
N ASP A 152 6.47 35.22 5.65
CA ASP A 152 7.35 34.95 4.50
C ASP A 152 8.87 34.91 4.81
N ASN A 153 9.32 35.63 5.85
CA ASN A 153 10.73 35.62 6.20
C ASN A 153 11.15 34.79 7.42
N GLN A 154 10.20 34.28 8.20
CA GLN A 154 10.55 33.52 9.40
C GLN A 154 9.88 32.16 9.43
N ILE A 155 10.63 31.15 9.84
CA ILE A 155 10.14 29.79 9.96
C ILE A 155 10.79 29.16 11.20
N VAL A 156 10.00 28.42 11.97
CA VAL A 156 10.51 27.68 13.13
C VAL A 156 10.57 26.23 12.71
N THR A 157 11.61 25.53 13.20
CA THR A 157 11.89 24.14 12.85
C THR A 157 12.17 23.31 14.08
N SER A 158 11.95 22.00 13.99
CA SER A 158 12.29 21.05 15.06
C SER A 158 13.10 19.93 14.48
N SER A 159 13.94 19.31 15.30
CA SER A 159 14.85 18.34 14.76
C SER A 159 15.19 17.22 15.69
N GLY A 160 15.62 16.12 15.08
CA GLY A 160 16.20 15.00 15.77
C GLY A 160 17.55 15.26 16.45
N ASP A 161 18.20 16.39 16.16
CA ASP A 161 19.37 16.85 16.95
C ASP A 161 19.06 17.41 18.36
N THR A 162 17.78 17.32 18.78
CA THR A 162 17.25 17.73 20.09
C THR A 162 16.94 19.22 20.23
N THR A 163 16.96 19.97 19.13
CA THR A 163 16.70 21.42 19.22
C THR A 163 15.67 21.88 18.22
N CYS A 164 15.06 23.01 18.54
CA CYS A 164 14.29 23.75 17.59
C CYS A 164 15.09 25.01 17.27
N ALA A 165 14.65 25.77 16.27
CA ALA A 165 15.37 26.94 15.79
C ALA A 165 14.41 27.87 15.08
N LEU A 166 14.64 29.17 15.21
CA LEU A 166 13.96 30.17 14.38
C LEU A 166 14.92 30.59 13.28
N TRP A 167 14.45 30.67 12.04
CA TRP A 167 15.31 31.02 10.92
C TRP A 167 14.83 32.31 10.21
N ASP A 168 15.81 33.13 9.82
CA ASP A 168 15.62 34.21 8.87
C ASP A 168 15.86 33.64 7.45
N ILE A 169 14.81 33.65 6.62
CA ILE A 169 14.86 32.99 5.32
C ILE A 169 15.73 33.79 4.33
N GLU A 170 15.64 35.12 4.36
CA GLU A 170 16.52 36.03 3.56
C GLU A 170 17.98 35.66 3.78
N THR A 171 18.44 35.74 5.02
CA THR A 171 19.84 35.47 5.35
C THR A 171 20.19 33.96 5.38
N GLY A 172 19.19 33.09 5.53
CA GLY A 172 19.44 31.67 5.75
C GLY A 172 20.02 31.32 7.11
N GLN A 173 20.01 32.24 8.08
CA GLN A 173 20.68 32.03 9.36
C GLN A 173 19.65 31.66 10.42
N GLN A 174 20.08 30.83 11.37
CA GLN A 174 19.34 30.63 12.58
C GLN A 174 19.39 31.90 13.44
N THR A 175 18.30 32.65 13.50
CA THR A 175 18.21 33.78 14.44
C THR A 175 18.30 33.31 15.91
N THR A 176 17.57 32.25 16.23
CA THR A 176 17.44 31.76 17.61
C THR A 176 17.53 30.23 17.62
N THR A 177 18.14 29.70 18.69
CA THR A 177 18.19 28.26 18.96
C THR A 177 17.48 27.98 20.29
N PHE A 178 16.64 26.94 20.28
CA PHE A 178 15.88 26.54 21.49
C PHE A 178 16.38 25.20 22.01
N THR A 179 17.16 25.21 23.10
CA THR A 179 17.76 23.98 23.63
C THR A 179 17.17 23.67 24.99
N GLY A 180 17.27 22.41 25.41
CA GLY A 180 16.60 21.95 26.62
C GLY A 180 16.11 20.53 26.47
N HIS A 181 15.51 20.19 25.32
CA HIS A 181 15.05 18.81 25.13
C HIS A 181 16.23 17.86 25.18
N THR A 182 16.09 16.75 25.89
CA THR A 182 17.13 15.72 26.00
C THR A 182 16.95 14.55 25.03
N GLY A 183 15.93 14.65 24.16
CA GLY A 183 15.73 13.70 23.05
C GLY A 183 15.25 14.36 21.75
N ASP A 184 15.21 13.57 20.68
CA ASP A 184 14.78 14.03 19.38
C ASP A 184 13.47 14.80 19.49
N VAL A 185 13.38 15.94 18.81
CA VAL A 185 12.14 16.74 18.82
C VAL A 185 11.38 16.29 17.59
N MET A 186 10.14 15.83 17.81
CA MET A 186 9.32 15.19 16.75
C MET A 186 8.24 16.06 16.15
N SER A 187 7.85 17.11 16.86
CA SER A 187 6.76 17.96 16.44
C SER A 187 6.74 19.29 17.17
N LEU A 188 6.07 20.27 16.56
CA LEU A 188 5.87 21.57 17.13
C LEU A 188 4.58 22.20 16.63
N SER A 189 4.08 23.22 17.33
CA SER A 189 2.88 23.96 16.88
C SER A 189 2.97 25.38 17.36
N LEU A 190 2.67 26.33 16.47
CA LEU A 190 2.68 27.76 16.78
C LEU A 190 1.42 28.13 17.47
N ALA A 191 1.52 29.00 18.47
CA ALA A 191 0.32 29.61 19.06
C ALA A 191 -0.36 30.47 17.99
N PRO A 192 -1.69 30.67 18.11
CA PRO A 192 -2.43 31.51 17.16
C PRO A 192 -1.73 32.85 16.85
N ASP A 193 -1.29 33.53 17.91
CA ASP A 193 -0.57 34.81 17.81
C ASP A 193 0.97 34.72 17.52
N THR A 194 1.51 33.51 17.36
CA THR A 194 2.93 33.21 16.98
C THR A 194 4.05 33.78 17.88
N ARG A 195 3.71 34.27 19.07
CA ARG A 195 4.72 34.71 20.05
C ARG A 195 5.27 33.53 20.83
N LEU A 196 4.48 32.46 20.96
CA LEU A 196 4.93 31.20 21.58
C LEU A 196 4.73 30.02 20.64
N PHE A 197 5.38 28.92 20.98
CA PHE A 197 5.18 27.66 20.30
C PHE A 197 5.50 26.53 21.25
N VAL A 198 4.95 25.37 20.97
CA VAL A 198 5.19 24.20 21.81
C VAL A 198 5.85 23.14 20.98
N SER A 199 6.73 22.36 21.61
CA SER A 199 7.43 21.28 20.95
C SER A 199 7.20 20.00 21.73
N GLY A 200 7.23 18.86 21.04
CA GLY A 200 7.13 17.55 21.65
C GLY A 200 8.26 16.65 21.21
N ALA A 201 8.73 15.79 22.11
CA ALA A 201 9.99 15.10 21.91
C ALA A 201 10.02 13.68 22.43
N CYS A 202 11.11 12.99 22.11
CA CYS A 202 11.32 11.62 22.52
C CYS A 202 11.70 11.53 23.97
N ASP A 203 12.04 12.65 24.59
CA ASP A 203 12.16 12.70 26.06
C ASP A 203 10.82 12.56 26.82
N ALA A 204 9.73 12.35 26.07
CA ALA A 204 8.37 12.23 26.61
C ALA A 204 7.80 13.53 27.18
N SER A 205 8.45 14.68 26.93
CA SER A 205 7.99 15.95 27.49
C SER A 205 7.63 16.91 26.38
N ALA A 206 6.81 17.89 26.71
CA ALA A 206 6.56 19.00 25.81
C ALA A 206 7.07 20.28 26.48
N LYS A 207 7.55 21.21 25.65
CA LYS A 207 8.06 22.48 26.11
C LYS A 207 7.35 23.61 25.38
N LEU A 208 7.12 24.68 26.14
CA LEU A 208 6.61 25.94 25.63
C LEU A 208 7.82 26.89 25.55
N TRP A 209 7.99 27.52 24.38
CA TRP A 209 9.12 28.41 24.10
C TRP A 209 8.63 29.81 23.78
N ASP A 210 9.33 30.81 24.31
CA ASP A 210 9.11 32.20 23.88
C ASP A 210 9.96 32.48 22.65
N VAL A 211 9.33 32.87 21.54
CA VAL A 211 10.06 33.00 20.27
C VAL A 211 11.09 34.12 20.37
N ARG A 212 10.61 35.30 20.76
CA ARG A 212 11.42 36.50 20.86
C ARG A 212 12.52 36.38 21.91
N GLU A 213 12.27 35.77 23.05
CA GLU A 213 13.29 35.64 24.12
C GLU A 213 14.23 34.42 23.90
N GLY A 214 13.76 33.35 23.27
CA GLY A 214 14.62 32.23 22.92
C GLY A 214 14.83 31.19 24.00
N MET A 215 13.81 30.99 24.82
CA MET A 215 13.95 30.22 26.05
C MET A 215 12.69 29.46 26.35
N CYS A 216 12.87 28.40 27.12
CA CYS A 216 11.79 27.56 27.54
C CYS A 216 11.13 28.21 28.76
N ARG A 217 9.84 28.51 28.68
CA ARG A 217 9.04 28.89 29.86
C ARG A 217 8.57 27.71 30.69
N GLN A 218 8.08 26.66 30.05
CA GLN A 218 7.38 25.60 30.74
C GLN A 218 7.67 24.23 30.11
N THR A 219 7.91 23.24 30.95
CA THR A 219 8.08 21.85 30.53
C THR A 219 6.90 21.07 31.08
N PHE A 220 6.26 20.25 30.24
CA PHE A 220 5.08 19.48 30.61
C PHE A 220 5.38 18.00 30.57
N THR A 221 5.11 17.28 31.64
CA THR A 221 5.39 15.83 31.68
C THR A 221 4.14 15.01 31.83
N GLY A 222 4.31 13.69 31.77
CA GLY A 222 3.24 12.72 32.01
C GLY A 222 3.25 11.57 31.02
N HIS A 223 3.59 11.88 29.76
CA HIS A 223 3.66 10.84 28.71
C HIS A 223 4.74 9.85 29.10
N GLU A 224 4.56 8.60 28.67
CA GLU A 224 5.46 7.50 29.00
C GLU A 224 6.36 7.12 27.82
N SER A 225 6.17 7.77 26.68
CA SER A 225 6.90 7.45 25.44
C SER A 225 6.92 8.72 24.58
N ASP A 226 7.40 8.58 23.35
CA ASP A 226 7.67 9.72 22.49
C ASP A 226 6.42 10.54 22.21
N ILE A 227 6.55 11.85 22.16
CA ILE A 227 5.47 12.69 21.72
C ILE A 227 5.66 12.91 20.23
N ASN A 228 4.80 12.29 19.43
CA ASN A 228 4.92 12.30 17.97
C ASN A 228 4.22 13.49 17.33
N ALA A 229 3.30 14.12 18.04
CA ALA A 229 2.47 15.15 17.45
C ALA A 229 1.94 16.04 18.54
N ILE A 230 1.67 17.29 18.19
CA ILE A 230 1.27 18.31 19.14
C ILE A 230 0.48 19.39 18.41
N CYS A 231 -0.47 20.04 19.08
CA CYS A 231 -1.31 21.08 18.44
CA CYS A 231 -1.30 21.08 18.44
C CYS A 231 -1.89 22.05 19.46
N PHE A 232 -1.74 23.33 19.19
CA PHE A 232 -2.27 24.36 20.07
C PHE A 232 -3.79 24.34 20.02
N PHE A 233 -4.39 24.68 21.17
CA PHE A 233 -5.82 24.88 21.28
C PHE A 233 -6.08 26.31 20.78
N PRO A 234 -7.22 26.56 20.10
CA PRO A 234 -7.36 27.86 19.42
C PRO A 234 -7.34 29.15 20.28
N ASN A 235 -7.63 29.08 21.58
CA ASN A 235 -7.53 30.27 22.45
C ASN A 235 -6.12 30.56 22.93
N GLY A 236 -5.18 29.64 22.69
CA GLY A 236 -3.77 29.89 22.99
C GLY A 236 -3.31 29.60 24.40
N ASN A 237 -4.24 29.16 25.27
CA ASN A 237 -3.91 28.85 26.67
C ASN A 237 -3.76 27.36 26.95
N ALA A 238 -3.78 26.53 25.90
CA ALA A 238 -3.68 25.09 26.04
C ALA A 238 -3.23 24.43 24.73
N PHE A 239 -2.77 23.18 24.85
CA PHE A 239 -2.42 22.38 23.68
C PHE A 239 -2.67 20.90 23.96
N ALA A 240 -2.71 20.10 22.88
CA ALA A 240 -2.80 18.65 22.97
C ALA A 240 -1.62 17.92 22.38
N THR A 241 -1.30 16.77 22.97
CA THR A 241 -0.20 15.90 22.54
C THR A 241 -0.73 14.52 22.07
N GLY A 242 -0.02 13.90 21.13
CA GLY A 242 -0.27 12.50 20.72
C GLY A 242 1.05 11.77 20.94
N SER A 243 1.01 10.57 21.52
CA SER A 243 2.23 9.84 21.92
C SER A 243 2.28 8.35 21.53
N ASP A 244 3.47 7.79 21.53
CA ASP A 244 3.60 6.35 21.34
C ASP A 244 2.98 5.56 22.50
N ASP A 245 2.77 6.19 23.64
CA ASP A 245 2.12 5.54 24.79
C ASP A 245 0.61 5.33 24.59
N ALA A 246 0.10 5.69 23.41
CA ALA A 246 -1.27 5.44 23.00
C ALA A 246 -2.29 6.47 23.52
N THR A 247 -1.81 7.47 24.26
CA THR A 247 -2.65 8.54 24.79
C THR A 247 -2.52 9.83 23.97
N CYS A 248 -3.62 10.58 23.85
CA CYS A 248 -3.52 12.02 23.67
C CYS A 248 -3.74 12.69 25.02
N ARG A 249 -3.13 13.85 25.22
CA ARG A 249 -3.35 14.64 26.42
C ARG A 249 -3.63 16.10 26.12
N LEU A 250 -4.31 16.74 27.06
CA LEU A 250 -4.66 18.15 26.98
C LEU A 250 -3.93 18.83 28.12
N PHE A 251 -3.06 19.80 27.82
CA PHE A 251 -2.27 20.52 28.82
C PHE A 251 -2.68 21.98 28.81
N ASP A 252 -2.88 22.57 30.00
CA ASP A 252 -3.22 24.00 30.14
C ASP A 252 -1.95 24.75 30.53
N LEU A 253 -1.68 25.86 29.87
CA LEU A 253 -0.47 26.62 30.17
C LEU A 253 -0.52 27.28 31.55
N ARG A 254 -1.62 27.96 31.86
CA ARG A 254 -1.71 28.65 33.15
C ARG A 254 -1.74 27.68 34.33
N ALA A 255 -2.31 26.49 34.15
CA ALA A 255 -2.24 25.48 35.22
C ALA A 255 -0.88 24.81 35.32
N ASP A 256 -0.08 24.96 34.27
CA ASP A 256 1.20 24.27 34.13
C ASP A 256 1.06 22.75 34.29
N GLN A 257 -0.07 22.18 33.87
CA GLN A 257 -0.28 20.72 34.00
C GLN A 257 -1.35 20.14 33.05
N GLU A 258 -1.42 18.82 33.09
CA GLU A 258 -2.41 18.03 32.38
C GLU A 258 -3.80 18.25 32.96
N LEU A 259 -4.74 18.53 32.08
CA LEU A 259 -6.14 18.57 32.40
C LEU A 259 -6.83 17.25 32.10
N MET A 260 -6.44 16.58 31.02
CA MET A 260 -7.18 15.40 30.56
C MET A 260 -6.37 14.45 29.70
N THR A 261 -6.70 13.16 29.82
CA THR A 261 -6.12 12.10 29.00
C THR A 261 -7.21 11.42 28.20
N TYR A 262 -6.89 11.14 26.95
CA TYR A 262 -7.79 10.50 26.03
C TYR A 262 -7.19 9.19 25.58
N SER A 263 -7.74 8.08 26.06
CA SER A 263 -7.27 6.75 25.67
C SER A 263 -8.27 5.67 26.03
N HIS A 264 -8.41 4.70 25.14
CA HIS A 264 -8.99 3.43 25.51
C HIS A 264 -7.88 2.46 25.86
N ASP A 265 -8.16 1.58 26.82
CA ASP A 265 -7.22 0.53 27.26
C ASP A 265 -7.01 -0.55 26.18
N ASN A 266 -7.97 -0.71 25.27
CA ASN A 266 -7.86 -1.63 24.13
C ASN A 266 -7.25 -1.00 22.84
N ILE A 267 -6.80 0.27 22.92
CA ILE A 267 -5.94 0.88 21.91
C ILE A 267 -4.54 1.01 22.52
N ILE A 268 -3.58 0.26 21.99
CA ILE A 268 -2.21 0.29 22.54
C ILE A 268 -1.12 0.70 21.53
N CYS A 269 -1.52 1.00 20.30
CA CYS A 269 -0.63 1.47 19.25
C CYS A 269 -0.45 3.00 19.31
N GLY A 270 0.49 3.50 18.52
CA GLY A 270 0.97 4.88 18.64
C GLY A 270 0.08 5.90 17.93
N ILE A 271 0.14 7.13 18.40
CA ILE A 271 -0.57 8.22 17.77
C ILE A 271 0.42 8.94 16.86
N THR A 272 -0.07 9.37 15.70
CA THR A 272 0.73 10.00 14.66
C THR A 272 0.46 11.47 14.51
N SER A 273 -0.73 11.89 14.90
CA SER A 273 -1.21 13.23 14.58
C SER A 273 -2.38 13.61 15.47
N VAL A 274 -2.48 14.89 15.76
CA VAL A 274 -3.62 15.42 16.52
C VAL A 274 -4.02 16.77 15.95
N SER A 275 -5.33 17.07 16.02
CA SER A 275 -5.83 18.38 15.62
C SER A 275 -7.16 18.70 16.28
N PHE A 276 -7.32 19.91 16.75
CA PHE A 276 -8.60 20.33 17.29
C PHE A 276 -9.50 20.74 16.15
N SER A 277 -10.81 20.59 16.35
CA SER A 277 -11.81 21.25 15.49
C SER A 277 -11.79 22.74 15.80
N LYS A 278 -12.50 23.52 15.01
CA LYS A 278 -12.49 24.99 15.15
C LYS A 278 -12.81 25.46 16.55
N SER A 279 -13.91 24.97 17.11
CA SER A 279 -14.35 25.36 18.44
C SER A 279 -13.58 24.68 19.54
N GLY A 280 -12.90 23.60 19.22
CA GLY A 280 -12.16 22.84 20.21
C GLY A 280 -12.98 21.76 20.88
N ARG A 281 -14.25 21.61 20.48
CA ARG A 281 -15.08 20.56 21.08
C ARG A 281 -14.56 19.18 20.71
N LEU A 282 -14.03 19.06 19.50
CA LEU A 282 -13.44 17.82 19.02
C LEU A 282 -11.91 17.84 18.93
N LEU A 283 -11.29 16.75 19.39
CA LEU A 283 -9.88 16.47 19.20
C LEU A 283 -9.76 15.25 18.30
N LEU A 284 -9.21 15.47 17.09
CA LEU A 284 -8.99 14.38 16.13
C LEU A 284 -7.57 13.83 16.28
N ALA A 285 -7.42 12.51 16.24
CA ALA A 285 -6.12 11.87 16.39
C ALA A 285 -5.98 10.71 15.41
N GLY A 286 -4.85 10.63 14.71
CA GLY A 286 -4.56 9.50 13.84
C GLY A 286 -3.74 8.45 14.57
N TYR A 287 -3.92 7.19 14.20
CA TYR A 287 -3.28 6.08 14.89
C TYR A 287 -2.54 5.19 13.88
N ASP A 288 -1.62 4.38 14.41
CA ASP A 288 -0.93 3.33 13.65
C ASP A 288 -1.88 2.26 13.07
N ASP A 289 -3.04 2.08 13.70
CA ASP A 289 -4.02 1.03 13.35
C ASP A 289 -4.95 1.33 12.17
N PHE A 290 -4.67 2.40 11.43
CA PHE A 290 -5.27 2.79 10.11
C PHE A 290 -6.41 3.78 10.25
N ASN A 291 -6.86 4.01 11.50
CA ASN A 291 -8.01 4.88 11.77
C ASN A 291 -7.67 6.16 12.48
N CYS A 292 -8.54 7.15 12.28
CA CYS A 292 -8.60 8.34 13.13
CA CYS A 292 -8.60 8.34 13.12
C CYS A 292 -9.71 8.16 14.13
N ASN A 293 -9.47 8.58 15.37
CA ASN A 293 -10.55 8.67 16.36
C ASN A 293 -10.92 10.15 16.52
N VAL A 294 -12.23 10.42 16.59
CA VAL A 294 -12.74 11.72 16.91
C VAL A 294 -13.10 11.70 18.38
N TRP A 295 -12.39 12.47 19.18
CA TRP A 295 -12.65 12.55 20.60
C TRP A 295 -13.44 13.80 20.96
N ASP A 296 -14.35 13.65 21.92
CA ASP A 296 -15.03 14.76 22.57
C ASP A 296 -14.00 15.35 23.51
N ALA A 297 -13.51 16.54 23.18
CA ALA A 297 -12.45 17.16 24.00
C ALA A 297 -12.92 17.49 25.41
N LEU A 298 -14.20 17.81 25.61
CA LEU A 298 -14.79 18.09 26.94
C LEU A 298 -15.12 16.86 27.78
N LYS A 299 -15.66 15.83 27.15
CA LYS A 299 -16.15 14.68 27.89
C LYS A 299 -15.18 13.48 27.90
N ALA A 300 -14.07 13.56 27.15
CA ALA A 300 -13.07 12.48 27.04
C ALA A 300 -13.54 11.13 26.49
N ASP A 301 -14.60 11.13 25.68
CA ASP A 301 -15.11 9.92 25.05
C ASP A 301 -14.87 9.99 23.58
N ARG A 302 -14.87 8.85 22.93
CA ARG A 302 -14.75 8.83 21.51
C ARG A 302 -16.11 9.10 20.91
N ALA A 303 -16.22 10.16 20.12
CA ALA A 303 -17.47 10.50 19.46
C ALA A 303 -17.67 9.90 18.09
N GLY A 304 -16.59 9.50 17.42
CA GLY A 304 -16.71 8.95 16.09
C GLY A 304 -15.38 8.51 15.53
N VAL A 305 -15.38 8.07 14.27
CA VAL A 305 -14.21 7.48 13.62
C VAL A 305 -14.13 7.93 12.15
N LEU A 306 -12.93 8.15 11.62
CA LEU A 306 -12.73 8.28 10.16
C LEU A 306 -11.99 7.03 9.73
N ALA A 307 -12.69 6.16 9.00
CA ALA A 307 -12.14 4.86 8.65
C ALA A 307 -12.22 4.78 7.16
N GLY A 308 -11.06 4.84 6.52
CA GLY A 308 -11.00 4.77 5.06
C GLY A 308 -9.62 4.94 4.47
N HIS A 309 -8.65 4.30 5.07
CA HIS A 309 -7.32 4.28 4.57
C HIS A 309 -6.88 2.84 4.74
N ASP A 310 -6.04 2.36 3.84
CA ASP A 310 -5.61 0.97 3.88
C ASP A 310 -4.29 0.74 4.56
N ASN A 311 -3.77 1.82 5.15
CA ASN A 311 -2.54 1.78 5.96
C ASN A 311 -2.68 2.92 6.96
N ARG A 312 -1.66 3.18 7.74
CA ARG A 312 -1.82 4.15 8.82
C ARG A 312 -2.10 5.56 8.38
N VAL A 313 -2.89 6.27 9.18
CA VAL A 313 -3.01 7.71 9.03
C VAL A 313 -1.74 8.32 9.61
N SER A 314 -0.92 8.95 8.76
CA SER A 314 0.32 9.59 9.22
C SER A 314 0.20 11.07 9.60
N CYS A 315 -0.82 11.77 9.12
CA CYS A 315 -0.88 13.22 9.32
C CYS A 315 -2.28 13.67 9.14
N LEU A 316 -2.66 14.74 9.83
CA LEU A 316 -3.96 15.30 9.56
C LEU A 316 -3.99 16.80 9.80
N GLY A 317 -5.10 17.42 9.48
CA GLY A 317 -5.17 18.86 9.49
C GLY A 317 -6.58 19.34 9.33
N VAL A 318 -6.99 20.24 10.21
CA VAL A 318 -8.31 20.88 10.10
C VAL A 318 -8.12 22.27 9.50
N THR A 319 -9.03 22.63 8.62
CA THR A 319 -9.00 23.97 7.98
C THR A 319 -9.26 25.10 8.97
N ASP A 320 -8.70 26.27 8.70
CA ASP A 320 -8.96 27.50 9.46
C ASP A 320 -10.42 27.93 9.54
N ASP A 321 -11.23 27.59 8.54
CA ASP A 321 -12.68 27.88 8.58
C ASP A 321 -13.50 26.75 9.26
N GLY A 322 -12.82 25.67 9.64
CA GLY A 322 -13.40 24.53 10.30
C GLY A 322 -14.25 23.62 9.44
N MET A 323 -14.30 23.86 8.13
CA MET A 323 -15.22 23.12 7.25
C MET A 323 -14.76 21.70 6.92
N ALA A 324 -13.48 21.39 7.16
CA ALA A 324 -12.93 20.11 6.74
C ALA A 324 -11.75 19.63 7.54
N VAL A 325 -11.69 18.30 7.64
CA VAL A 325 -10.48 17.62 8.11
C VAL A 325 -9.82 16.88 6.95
N ALA A 326 -8.52 17.09 6.79
CA ALA A 326 -7.74 16.33 5.81
C ALA A 326 -6.98 15.26 6.53
N THR A 327 -7.01 14.04 6.00
CA THR A 327 -6.09 12.99 6.41
C THR A 327 -5.12 12.67 5.28
N GLY A 328 -3.92 12.25 5.67
CA GLY A 328 -2.90 11.70 4.76
C GLY A 328 -2.44 10.37 5.34
N SER A 329 -2.11 9.44 4.44
CA SER A 329 -1.81 8.09 4.85
C SER A 329 -0.63 7.46 4.14
N TRP A 330 -0.20 6.34 4.70
CA TRP A 330 0.83 5.46 4.15
C TRP A 330 0.32 4.63 2.97
N ASP A 331 -0.99 4.66 2.71
CA ASP A 331 -1.58 4.01 1.56
C ASP A 331 -1.52 4.85 0.28
N SER A 332 -0.96 6.06 0.41
CA SER A 332 -0.65 7.06 -0.65
C SER A 332 -1.80 8.01 -1.04
N PHE A 333 -2.91 7.97 -0.33
CA PHE A 333 -3.99 8.92 -0.60
C PHE A 333 -4.15 9.90 0.54
N LEU A 334 -4.59 11.11 0.21
CA LEU A 334 -5.18 12.00 1.20
C LEU A 334 -6.69 11.98 1.06
N LYS A 335 -7.39 12.12 2.18
CA LYS A 335 -8.83 12.28 2.16
C LYS A 335 -9.28 13.55 2.88
N ILE A 336 -10.30 14.20 2.31
CA ILE A 336 -10.97 15.36 2.87
C ILE A 336 -12.32 14.87 3.43
N TRP A 337 -12.61 15.20 4.69
CA TRP A 337 -13.83 14.74 5.33
C TRP A 337 -14.60 15.89 5.96
N ASN A 338 -15.93 15.82 5.90
CA ASN A 338 -16.78 16.60 6.78
C ASN A 338 -18.18 16.02 6.87
N GLU B 5 28.65 18.19 30.19
CA GLU B 5 27.69 17.36 30.98
C GLU B 5 27.31 18.03 32.31
N LYS B 6 28.32 18.52 33.04
CA LYS B 6 28.08 19.52 34.12
C LYS B 6 27.54 20.86 33.55
N ASP B 7 28.02 21.25 32.37
CA ASP B 7 27.41 22.31 31.52
C ASP B 7 25.87 22.24 31.51
N LYS B 8 25.37 21.03 31.25
CA LYS B 8 23.95 20.74 31.05
C LYS B 8 23.14 20.60 32.32
N LEU B 9 23.67 19.91 33.33
CA LEU B 9 23.01 19.87 34.63
C LEU B 9 22.76 21.27 35.19
N LYS B 10 23.68 22.19 34.94
CA LYS B 10 23.51 23.59 35.36
C LYS B 10 22.39 24.28 34.59
N MET B 11 22.26 24.01 33.30
CA MET B 11 21.17 24.57 32.51
C MET B 11 19.84 23.92 32.86
N GLU B 12 19.87 22.66 33.27
CA GLU B 12 18.68 21.92 33.69
C GLU B 12 18.14 22.47 35.02
N VAL B 13 19.03 22.69 36.00
CA VAL B 13 18.58 23.28 37.28
C VAL B 13 18.17 24.73 37.11
N ASP B 14 18.86 25.47 36.25
CA ASP B 14 18.49 26.87 35.94
C ASP B 14 17.09 26.96 35.39
N GLN B 15 16.72 26.04 34.50
CA GLN B 15 15.33 25.90 34.01
C GLN B 15 14.37 25.45 35.11
N LEU B 16 14.72 24.43 35.91
CA LEU B 16 13.89 24.01 37.04
C LEU B 16 13.66 25.18 38.04
N LYS B 17 14.71 25.92 38.35
CA LYS B 17 14.62 27.12 39.20
C LYS B 17 13.66 28.17 38.66
N LYS B 18 13.59 28.32 37.34
CA LYS B 18 12.62 29.26 36.76
C LYS B 18 11.19 28.76 36.87
N GLU B 19 11.01 27.45 36.70
CA GLU B 19 9.68 26.81 36.69
C GLU B 19 9.05 26.71 38.08
N VAL B 20 9.88 26.58 39.11
CA VAL B 20 9.41 26.57 40.51
C VAL B 20 8.66 27.85 40.87
N THR B 21 9.01 29.00 40.28
CA THR B 21 8.38 30.28 40.65
C THR B 21 7.12 30.62 39.87
N LEU B 22 6.81 29.87 38.81
CA LEU B 22 5.56 30.06 38.02
C LEU B 22 4.30 30.18 38.89
N GLU B 23 3.50 31.22 38.64
CA GLU B 23 2.19 31.35 39.26
C GLU B 23 1.21 30.46 38.50
N ARG B 24 0.72 29.42 39.17
CA ARG B 24 -0.16 28.45 38.55
C ARG B 24 -1.62 28.75 38.91
N MET B 25 -2.49 28.83 37.92
CA MET B 25 -3.91 28.94 38.16
C MET B 25 -4.50 27.59 38.58
N LEU B 26 -5.62 27.65 39.30
CA LEU B 26 -6.34 26.46 39.76
C LEU B 26 -6.88 25.73 38.55
N VAL B 27 -6.73 24.41 38.57
CA VAL B 27 -7.19 23.57 37.47
C VAL B 27 -8.69 23.73 37.21
N SER B 28 -9.48 23.88 38.27
CA SER B 28 -10.90 24.13 38.13
C SER B 28 -11.19 25.38 37.30
N LYS B 29 -10.51 26.48 37.59
CA LYS B 29 -10.72 27.73 36.86
C LYS B 29 -10.27 27.62 35.39
N CYS B 30 -9.20 26.87 35.16
CA CYS B 30 -8.72 26.58 33.80
C CYS B 30 -9.73 25.73 33.05
N CYS B 31 -10.16 24.63 33.65
CA CYS B 31 -11.25 23.80 33.10
C CYS B 31 -12.56 24.57 32.85
N GLU B 32 -12.90 25.53 33.71
CA GLU B 32 -14.14 26.31 33.53
C GLU B 32 -14.05 27.16 32.25
N GLU B 33 -12.94 27.88 32.11
CA GLU B 33 -12.75 28.78 30.97
C GLU B 33 -12.57 28.03 29.68
N PHE B 34 -11.94 26.87 29.77
CA PHE B 34 -11.83 25.96 28.64
C PHE B 34 -13.23 25.55 28.17
N ARG B 35 -14.03 25.05 29.10
CA ARG B 35 -15.44 24.65 28.81
C ARG B 35 -16.23 25.77 28.15
N ASP B 36 -16.15 26.97 28.72
CA ASP B 36 -16.97 28.09 28.27
C ASP B 36 -16.56 28.54 26.89
N TYR B 37 -15.24 28.47 26.58
CA TYR B 37 -14.74 28.72 25.25
C TYR B 37 -15.42 27.76 24.28
N VAL B 38 -15.36 26.47 24.59
CA VAL B 38 -15.93 25.46 23.68
C VAL B 38 -17.45 25.61 23.58
N GLU B 39 -18.10 25.84 24.71
CA GLU B 39 -19.56 25.98 24.76
C GLU B 39 -20.05 27.19 23.97
N GLU B 40 -19.28 28.29 23.95
CA GLU B 40 -19.66 29.46 23.14
C GLU B 40 -19.70 29.20 21.63
N ARG B 41 -18.90 28.23 21.15
CA ARG B 41 -18.62 28.07 19.73
C ARG B 41 -19.04 26.76 19.09
N SER B 42 -19.38 25.73 19.88
CA SER B 42 -19.56 24.38 19.33
C SER B 42 -20.85 24.16 18.57
N GLY B 43 -21.90 24.91 18.90
CA GLY B 43 -23.10 24.99 18.08
C GLY B 43 -22.81 25.42 16.64
N GLU B 44 -21.83 26.32 16.49
CA GLU B 44 -21.38 26.79 15.16
C GLU B 44 -20.20 26.03 14.49
N ASP B 45 -19.62 25.07 15.19
CA ASP B 45 -18.51 24.27 14.63
C ASP B 45 -19.01 23.35 13.49
N PRO B 46 -18.54 23.59 12.26
CA PRO B 46 -19.07 22.75 11.19
C PRO B 46 -18.88 21.23 11.38
N LEU B 47 -17.85 20.79 12.10
CA LEU B 47 -17.58 19.36 12.24
C LEU B 47 -18.38 18.73 13.40
N VAL B 48 -18.85 19.54 14.34
CA VAL B 48 -19.86 19.10 15.32
C VAL B 48 -21.28 19.05 14.74
N LYS B 49 -21.71 20.19 14.19
CA LYS B 49 -23.11 20.44 13.84
C LYS B 49 -23.51 19.72 12.55
N GLY B 50 -22.63 19.76 11.56
CA GLY B 50 -22.97 19.37 10.19
C GLY B 50 -23.13 20.64 9.38
N ILE B 51 -22.90 20.52 8.08
CA ILE B 51 -23.01 21.62 7.12
C ILE B 51 -24.15 21.24 6.16
N PRO B 52 -25.03 22.20 5.81
CA PRO B 52 -26.08 21.91 4.84
C PRO B 52 -25.47 21.70 3.44
N GLU B 53 -25.92 20.69 2.71
CA GLU B 53 -25.31 20.35 1.42
C GLU B 53 -25.14 21.52 0.44
N ASP B 54 -26.03 22.52 0.51
CA ASP B 54 -25.89 23.77 -0.27
C ASP B 54 -24.68 24.62 0.09
N LYS B 55 -24.37 24.67 1.40
CA LYS B 55 -23.25 25.46 1.92
C LYS B 55 -21.90 24.67 2.03
N ASN B 56 -21.84 23.40 1.61
CA ASN B 56 -20.65 22.55 1.77
C ASN B 56 -19.69 22.77 0.57
N PRO B 57 -18.54 23.46 0.80
CA PRO B 57 -17.68 23.73 -0.33
C PRO B 57 -17.15 22.47 -1.03
N PHE B 58 -17.29 21.30 -0.39
CA PHE B 58 -16.82 20.03 -0.92
C PHE B 58 -18.00 19.16 -1.42
N LYS B 59 -18.89 19.81 -2.20
CA LYS B 59 -19.97 19.14 -2.96
C LYS B 59 -19.45 18.08 -3.95
N GLU B 60 -20.36 17.29 -4.50
CA GLU B 60 -20.02 16.22 -5.46
C GLU B 60 -19.58 16.76 -6.85
N GLU C 1 -15.59 -12.27 -49.94
CA GLU C 1 -16.98 -11.79 -49.64
C GLU C 1 -17.22 -11.81 -48.12
N LEU C 2 -17.36 -10.62 -47.53
CA LEU C 2 -17.70 -10.44 -46.11
C LEU C 2 -19.04 -11.06 -45.70
N ASP C 3 -19.99 -11.10 -46.63
CA ASP C 3 -21.35 -11.60 -46.36
C ASP C 3 -21.40 -13.11 -46.18
N GLN C 4 -20.78 -13.85 -47.10
CA GLN C 4 -20.83 -15.31 -47.11
C GLN C 4 -20.04 -15.92 -45.96
N LEU C 5 -19.08 -15.17 -45.41
CA LEU C 5 -18.31 -15.64 -44.26
C LEU C 5 -19.08 -15.43 -42.95
N ARG C 6 -19.60 -14.21 -42.69
CA ARG C 6 -20.42 -13.94 -41.48
C ARG C 6 -21.65 -14.87 -41.39
N GLN C 7 -22.20 -15.20 -42.56
CA GLN C 7 -23.32 -16.09 -42.72
C GLN C 7 -22.98 -17.53 -42.36
N GLU C 8 -21.76 -17.95 -42.71
CA GLU C 8 -21.22 -19.28 -42.40
C GLU C 8 -20.86 -19.41 -40.92
N ALA C 9 -20.09 -18.44 -40.44
CA ALA C 9 -19.72 -18.32 -39.00
C ALA C 9 -20.91 -18.37 -38.08
N GLU C 10 -21.94 -17.58 -38.42
CA GLU C 10 -23.24 -17.57 -37.71
C GLU C 10 -23.88 -18.95 -37.64
N GLN C 11 -23.94 -19.64 -38.77
CA GLN C 11 -24.54 -20.96 -38.83
C GLN C 11 -23.74 -21.98 -38.05
N LEU C 12 -22.41 -21.87 -38.11
CA LEU C 12 -21.54 -22.75 -37.32
C LEU C 12 -21.64 -22.49 -35.82
N LYS C 13 -21.80 -21.23 -35.43
CA LYS C 13 -22.03 -20.90 -34.00
C LYS C 13 -23.32 -21.56 -33.46
N ASN C 14 -24.42 -21.37 -34.18
CA ASN C 14 -25.73 -21.97 -33.81
C ASN C 14 -25.66 -23.50 -33.71
N GLN C 15 -24.91 -24.09 -34.61
CA GLN C 15 -24.79 -25.53 -34.67
C GLN C 15 -23.92 -26.07 -33.53
N ILE C 16 -22.90 -25.29 -33.10
CA ILE C 16 -22.12 -25.63 -31.90
C ILE C 16 -22.99 -25.48 -30.65
N ARG C 17 -23.76 -24.40 -30.59
CA ARG C 17 -24.71 -24.18 -29.48
C ARG C 17 -25.80 -25.25 -29.31
N ASP C 18 -26.41 -25.69 -30.41
CA ASP C 18 -27.43 -26.78 -30.37
C ASP C 18 -26.81 -28.10 -29.98
N ALA C 19 -25.62 -28.40 -30.49
CA ALA C 19 -24.90 -29.62 -30.10
C ALA C 19 -24.58 -29.64 -28.59
N ARG C 20 -24.18 -28.47 -28.07
CA ARG C 20 -23.87 -28.31 -26.66
C ARG C 20 -25.13 -28.39 -25.81
N LYS C 21 -26.15 -27.66 -26.24
CA LYS C 21 -27.49 -27.71 -25.61
C LYS C 21 -28.06 -29.14 -25.48
N ALA C 22 -27.98 -29.93 -26.53
CA ALA C 22 -28.42 -31.34 -26.50
C ALA C 22 -27.53 -32.30 -25.67
N CYS C 23 -26.41 -31.79 -25.15
CA CYS C 23 -25.57 -32.51 -24.18
C CYS C 23 -25.81 -32.13 -22.73
N ALA C 24 -26.33 -30.93 -22.49
CA ALA C 24 -26.60 -30.45 -21.11
C ALA C 24 -27.86 -31.12 -20.56
N ASP C 25 -27.75 -32.42 -20.29
CA ASP C 25 -28.88 -33.27 -19.89
C ASP C 25 -29.24 -33.13 -18.43
N ALA C 26 -28.38 -32.45 -17.63
CA ALA C 26 -28.49 -32.38 -16.17
C ALA C 26 -27.45 -31.40 -15.64
N THR C 27 -27.77 -30.71 -14.54
CA THR C 27 -26.82 -29.79 -13.88
C THR C 27 -25.92 -30.47 -12.82
N LEU C 28 -24.78 -29.87 -12.52
CA LEU C 28 -23.91 -30.35 -11.45
C LEU C 28 -24.64 -30.37 -10.09
N SER C 29 -25.52 -29.41 -9.85
CA SER C 29 -26.26 -29.34 -8.57
C SER C 29 -27.21 -30.53 -8.33
N GLN C 30 -27.79 -31.06 -9.42
CA GLN C 30 -28.58 -32.29 -9.37
C GLN C 30 -27.66 -33.49 -9.10
N ILE C 31 -26.52 -33.52 -9.78
CA ILE C 31 -25.59 -34.64 -9.66
C ILE C 31 -24.97 -34.72 -8.25
N THR C 32 -24.91 -33.60 -7.52
CA THR C 32 -24.28 -33.54 -6.20
C THR C 32 -25.30 -33.32 -5.11
N ASN C 33 -26.56 -33.60 -5.41
CA ASN C 33 -27.66 -33.36 -4.47
C ASN C 33 -27.52 -34.21 -3.19
N ASN C 34 -27.04 -35.46 -3.30
CA ASN C 34 -26.76 -36.30 -2.12
C ASN C 34 -25.58 -35.84 -1.30
N ILE C 35 -24.71 -35.00 -1.87
CA ILE C 35 -23.46 -34.65 -1.20
C ILE C 35 -23.76 -33.53 -0.22
N ASP C 36 -23.19 -33.64 0.97
CA ASP C 36 -23.37 -32.57 1.93
C ASP C 36 -22.34 -31.48 1.78
N PRO C 37 -22.70 -30.26 2.27
CA PRO C 37 -21.74 -29.17 2.25
C PRO C 37 -20.49 -29.53 3.03
N VAL C 38 -19.33 -29.04 2.59
CA VAL C 38 -18.13 -29.08 3.45
C VAL C 38 -18.38 -28.24 4.68
N GLY C 39 -17.62 -28.45 5.72
CA GLY C 39 -17.70 -27.50 6.86
C GLY C 39 -17.46 -26.02 6.49
N ARG C 40 -17.62 -25.14 7.47
CA ARG C 40 -17.02 -23.83 7.37
C ARG C 40 -15.52 -24.08 7.23
N ILE C 41 -14.91 -23.53 6.19
CA ILE C 41 -13.44 -23.63 6.02
C ILE C 41 -12.84 -22.35 6.62
N GLN C 42 -11.98 -22.53 7.63
CA GLN C 42 -11.46 -21.37 8.40
C GLN C 42 -9.95 -21.49 8.51
N MET C 43 -9.26 -21.14 7.41
CA MET C 43 -7.79 -21.29 7.33
C MET C 43 -7.12 -20.16 8.10
N ARG C 44 -5.93 -20.42 8.61
CA ARG C 44 -5.23 -19.40 9.43
C ARG C 44 -3.91 -19.03 8.79
N THR C 45 -3.45 -17.83 9.08
CA THR C 45 -2.17 -17.34 8.61
C THR C 45 -1.07 -18.00 9.43
N ARG C 46 -0.30 -18.88 8.82
CA ARG C 46 0.84 -19.53 9.47
C ARG C 46 2.11 -18.73 9.29
N ARG C 47 2.28 -18.12 8.10
CA ARG C 47 3.39 -17.20 7.86
C ARG C 47 3.03 -15.94 7.11
N THR C 48 3.80 -14.91 7.42
CA THR C 48 3.83 -13.69 6.67
C THR C 48 5.26 -13.58 6.19
N LEU C 49 5.45 -13.76 4.90
CA LEU C 49 6.74 -13.56 4.24
C LEU C 49 6.95 -12.04 3.98
N ARG C 50 7.83 -11.44 4.80
CA ARG C 50 8.16 -10.00 4.77
C ARG C 50 9.44 -9.79 3.99
N GLY C 51 9.47 -8.78 3.12
CA GLY C 51 10.67 -8.50 2.29
C GLY C 51 10.45 -7.66 1.05
N HIS C 52 9.40 -7.95 0.29
CA HIS C 52 9.12 -7.14 -0.87
C HIS C 52 8.78 -5.72 -0.47
N LEU C 53 9.09 -4.79 -1.36
CA LEU C 53 8.90 -3.38 -1.06
C LEU C 53 7.75 -2.74 -1.81
N ALA C 54 7.13 -3.47 -2.71
CA ALA C 54 6.02 -2.92 -3.43
C ALA C 54 5.11 -4.08 -3.86
N LYS C 55 4.09 -3.75 -4.63
CA LYS C 55 3.14 -4.73 -5.09
C LYS C 55 3.76 -6.06 -5.56
N ILE C 56 3.20 -7.18 -5.09
CA ILE C 56 3.60 -8.48 -5.63
C ILE C 56 2.60 -8.77 -6.74
N TYR C 57 3.11 -9.24 -7.90
CA TYR C 57 2.28 -9.58 -9.06
C TYR C 57 2.10 -11.07 -9.29
N ALA C 58 3.03 -11.90 -8.85
CA ALA C 58 2.90 -13.33 -9.09
C ALA C 58 3.65 -14.14 -8.08
N MET C 59 3.40 -15.46 -8.09
CA MET C 59 4.14 -16.42 -7.28
C MET C 59 3.91 -17.83 -7.78
N HIS C 60 4.80 -18.75 -7.42
CA HIS C 60 4.62 -20.16 -7.80
C HIS C 60 5.35 -21.10 -6.84
N TRP C 61 4.65 -22.17 -6.42
CA TRP C 61 5.21 -23.16 -5.51
C TRP C 61 6.17 -24.06 -6.25
N GLY C 62 7.25 -24.43 -5.58
CA GLY C 62 8.10 -25.50 -6.04
C GLY C 62 7.36 -26.84 -5.79
N THR C 63 7.78 -27.88 -6.50
CA THR C 63 7.18 -29.20 -6.37
C THR C 63 7.49 -29.88 -5.02
N ASP C 64 8.50 -29.40 -4.29
CA ASP C 64 8.77 -29.91 -2.95
C ASP C 64 7.81 -29.42 -1.85
N SER C 65 7.01 -28.40 -2.18
CA SER C 65 6.01 -27.79 -1.29
C SER C 65 6.57 -26.98 -0.13
N ARG C 66 7.83 -26.60 -0.25
CA ARG C 66 8.47 -25.82 0.78
C ARG C 66 8.99 -24.51 0.22
N LEU C 67 9.53 -24.55 -1.00
CA LEU C 67 10.13 -23.38 -1.58
C LEU C 67 9.15 -22.76 -2.53
N LEU C 68 9.07 -21.44 -2.48
CA LEU C 68 8.22 -20.72 -3.43
C LEU C 68 8.97 -19.52 -3.91
N LEU C 69 8.58 -19.02 -5.06
CA LEU C 69 9.05 -17.72 -5.42
C LEU C 69 7.99 -16.75 -5.89
N SER C 70 8.36 -15.48 -5.74
CA SER C 70 7.46 -14.34 -5.84
C SER C 70 8.19 -13.24 -6.60
N ALA C 71 7.43 -12.44 -7.34
CA ALA C 71 7.97 -11.41 -8.21
C ALA C 71 7.23 -10.13 -7.95
N SER C 72 7.97 -9.06 -7.66
CA SER C 72 7.38 -7.79 -7.33
C SER C 72 7.89 -6.67 -8.26
N GLN C 73 7.17 -5.55 -8.25
CA GLN C 73 7.54 -4.38 -9.03
C GLN C 73 8.70 -3.59 -8.37
N ASP C 74 9.10 -4.06 -7.19
CA ASP C 74 10.27 -3.57 -6.52
C ASP C 74 11.58 -4.02 -7.17
N GLY C 75 11.51 -4.89 -8.19
CA GLY C 75 12.67 -5.33 -8.95
C GLY C 75 13.33 -6.61 -8.44
N LYS C 76 12.65 -7.33 -7.56
CA LYS C 76 13.23 -8.54 -6.97
C LYS C 76 12.43 -9.77 -7.28
N LEU C 77 13.14 -10.87 -7.39
CA LEU C 77 12.56 -12.17 -7.56
C LEU C 77 13.07 -12.95 -6.38
N ILE C 78 12.19 -13.18 -5.40
CA ILE C 78 12.60 -13.81 -4.13
C ILE C 78 12.20 -15.27 -4.12
N ILE C 79 13.16 -16.14 -3.85
CA ILE C 79 12.87 -17.54 -3.55
C ILE C 79 12.85 -17.69 -2.03
N TRP C 80 11.69 -18.03 -1.47
CA TRP C 80 11.54 -18.18 -0.03
C TRP C 80 11.54 -19.65 0.42
N ASP C 81 11.96 -19.88 1.65
CA ASP C 81 11.74 -21.15 2.31
C ASP C 81 10.56 -20.87 3.22
N SER C 82 9.39 -21.34 2.82
CA SER C 82 8.16 -21.05 3.54
C SER C 82 8.16 -21.60 4.96
N TYR C 83 8.86 -22.72 5.22
CA TYR C 83 8.94 -23.28 6.58
C TYR C 83 9.61 -22.30 7.58
N THR C 84 10.68 -21.63 7.15
CA THR C 84 11.43 -20.68 8.00
C THR C 84 11.08 -19.20 7.82
N THR C 85 10.69 -18.80 6.61
CA THR C 85 10.48 -17.40 6.14
C THR C 85 11.78 -16.68 5.73
N ASN C 86 12.90 -17.40 5.83
CA ASN C 86 14.17 -16.84 5.41
C ASN C 86 14.19 -16.82 3.88
N LYS C 87 14.92 -15.89 3.33
CA LYS C 87 15.04 -15.77 1.87
C LYS C 87 16.21 -16.61 1.41
N VAL C 88 15.98 -17.57 0.52
CA VAL C 88 17.10 -18.35 -0.03
C VAL C 88 17.86 -17.49 -1.05
N HIS C 89 17.11 -16.70 -1.83
CA HIS C 89 17.68 -15.85 -2.88
C HIS C 89 16.85 -14.59 -3.01
N ALA C 90 17.47 -13.51 -3.46
CA ALA C 90 16.79 -12.23 -3.77
C ALA C 90 17.44 -11.66 -5.03
N ILE C 91 16.93 -12.12 -6.17
CA ILE C 91 17.52 -11.89 -7.48
C ILE C 91 17.07 -10.52 -8.01
N PRO C 92 18.03 -9.64 -8.36
CA PRO C 92 17.61 -8.36 -8.91
C PRO C 92 17.27 -8.52 -10.37
N LEU C 93 16.19 -7.87 -10.78
CA LEU C 93 15.68 -7.99 -12.11
C LEU C 93 16.20 -6.88 -12.99
N ARG C 94 16.34 -7.21 -14.29
CA ARG C 94 16.71 -6.24 -15.30
C ARG C 94 15.54 -5.27 -15.56
N SER C 95 14.33 -5.80 -15.70
CA SER C 95 13.10 -5.01 -15.81
C SER C 95 12.23 -5.23 -14.58
N SER C 96 11.89 -4.15 -13.88
CA SER C 96 10.95 -4.25 -12.76
C SER C 96 9.46 -4.37 -13.12
N TRP C 97 9.11 -4.23 -14.39
CA TRP C 97 7.69 -4.27 -14.75
C TRP C 97 7.28 -5.73 -14.90
N VAL C 98 7.34 -6.44 -13.78
CA VAL C 98 7.20 -7.88 -13.79
C VAL C 98 5.70 -8.24 -13.74
N MET C 99 5.35 -9.36 -14.38
CA MET C 99 3.95 -9.86 -14.38
C MET C 99 3.71 -11.35 -14.05
N THR C 100 4.76 -12.14 -14.10
CA THR C 100 4.63 -13.55 -13.83
C THR C 100 5.95 -14.11 -13.33
N CYS C 101 5.86 -15.27 -12.72
CA CYS C 101 7.00 -16.11 -12.45
C CYS C 101 6.60 -17.56 -12.36
N ALA C 102 7.59 -18.44 -12.41
CA ALA C 102 7.41 -19.86 -12.47
C ALA C 102 8.57 -20.53 -11.78
N TYR C 103 8.28 -21.60 -11.01
CA TYR C 103 9.30 -22.48 -10.43
C TYR C 103 9.30 -23.77 -11.27
N ALA C 104 10.47 -24.14 -11.77
CA ALA C 104 10.58 -25.32 -12.61
C ALA C 104 10.38 -26.53 -11.70
N PRO C 105 9.75 -27.59 -12.20
CA PRO C 105 9.58 -28.85 -11.46
C PRO C 105 10.85 -29.38 -10.80
N SER C 106 11.98 -29.26 -11.49
CA SER C 106 13.28 -29.75 -11.00
C SER C 106 13.83 -29.01 -9.79
N GLY C 107 13.39 -27.77 -9.60
CA GLY C 107 13.90 -26.89 -8.53
C GLY C 107 15.18 -26.13 -8.92
N ASN C 108 15.66 -26.33 -10.16
CA ASN C 108 16.95 -25.81 -10.66
C ASN C 108 16.86 -24.45 -11.34
N TYR C 109 15.65 -24.06 -11.75
CA TYR C 109 15.42 -22.77 -12.38
C TYR C 109 14.10 -22.13 -11.95
N VAL C 110 14.06 -20.81 -12.11
CA VAL C 110 12.84 -20.07 -12.06
C VAL C 110 12.79 -19.22 -13.31
N ALA C 111 11.61 -18.72 -13.65
CA ALA C 111 11.38 -17.84 -14.80
C ALA C 111 10.56 -16.65 -14.37
N CYS C 112 10.58 -15.63 -15.17
CA CYS C 112 10.04 -14.34 -14.77
C CYS C 112 9.98 -13.43 -15.96
N GLY C 113 8.99 -12.55 -16.01
CA GLY C 113 8.97 -11.51 -17.06
C GLY C 113 7.72 -10.70 -17.01
N GLY C 114 7.58 -9.77 -17.95
CA GLY C 114 6.45 -8.83 -17.91
C GLY C 114 6.49 -7.88 -19.09
N LEU C 115 6.52 -6.58 -18.84
CA LEU C 115 6.40 -5.59 -19.93
C LEU C 115 7.69 -5.40 -20.73
N ASP C 116 8.75 -6.10 -20.32
CA ASP C 116 9.94 -6.32 -21.16
C ASP C 116 9.69 -7.28 -22.35
N ASN C 117 8.54 -7.96 -22.38
CA ASN C 117 8.17 -8.93 -23.42
C ASN C 117 9.15 -10.09 -23.50
N ILE C 118 9.79 -10.43 -22.41
CA ILE C 118 10.86 -11.44 -22.42
C ILE C 118 10.59 -12.40 -21.27
N CYS C 119 10.79 -13.69 -21.52
CA CYS C 119 10.76 -14.66 -20.44
C CYS C 119 12.18 -15.03 -20.05
N SER C 120 12.60 -14.56 -18.89
CA SER C 120 13.97 -14.76 -18.43
C SER C 120 14.09 -16.01 -17.55
N ILE C 121 15.05 -16.86 -17.85
CA ILE C 121 15.31 -18.05 -17.07
C ILE C 121 16.51 -17.80 -16.16
N TYR C 122 16.38 -18.14 -14.87
CA TYR C 122 17.45 -17.96 -13.88
C TYR C 122 17.96 -19.30 -13.35
N ASN C 123 19.27 -19.50 -13.39
CA ASN C 123 19.93 -20.76 -12.93
C ASN C 123 20.13 -20.67 -11.45
N LEU C 124 19.65 -21.67 -10.72
CA LEU C 124 19.62 -21.56 -9.28
C LEU C 124 20.83 -22.15 -8.57
N LYS C 125 21.42 -23.23 -9.04
CA LYS C 125 22.69 -23.69 -8.40
C LYS C 125 24.01 -23.14 -8.97
N THR C 126 24.18 -23.29 -10.29
CA THR C 126 25.31 -22.80 -11.08
C THR C 126 26.68 -23.42 -10.72
N ARG C 127 27.67 -23.11 -11.54
CA ARG C 127 29.03 -23.67 -11.42
C ARG C 127 29.87 -22.97 -10.34
N GLU C 128 29.55 -21.72 -9.99
CA GLU C 128 30.31 -20.91 -9.03
C GLU C 128 29.46 -20.41 -7.86
N GLY C 129 28.35 -21.09 -7.54
CA GLY C 129 27.43 -20.66 -6.48
C GLY C 129 26.66 -19.34 -6.61
N ASN C 130 26.74 -18.66 -7.76
CA ASN C 130 25.94 -17.46 -8.10
C ASN C 130 24.51 -17.76 -8.63
N VAL C 131 23.67 -16.71 -8.68
CA VAL C 131 22.37 -16.77 -9.38
C VAL C 131 22.43 -15.82 -10.56
N ARG C 132 22.50 -16.35 -11.77
CA ARG C 132 22.48 -15.52 -12.98
C ARG C 132 21.41 -15.98 -14.01
N VAL C 133 21.02 -15.01 -14.84
CA VAL C 133 20.15 -15.27 -15.98
C VAL C 133 20.90 -16.18 -16.97
N SER C 134 20.39 -17.39 -17.18
CA SER C 134 20.97 -18.33 -18.13
C SER C 134 20.39 -18.21 -19.55
N ARG C 135 19.28 -17.51 -19.70
CA ARG C 135 18.62 -17.38 -20.99
C ARG C 135 17.59 -16.29 -20.90
N GLU C 136 17.50 -15.44 -21.91
CA GLU C 136 16.36 -14.53 -22.11
C GLU C 136 15.62 -15.04 -23.33
N LEU C 137 14.30 -15.21 -23.22
CA LEU C 137 13.53 -15.76 -24.33
C LEU C 137 12.77 -14.63 -24.99
N ALA C 138 13.31 -14.18 -26.11
CA ALA C 138 12.81 -13.02 -26.84
C ALA C 138 12.10 -13.50 -28.07
N GLY C 139 11.03 -12.78 -28.45
CA GLY C 139 10.23 -13.14 -29.63
C GLY C 139 8.79 -12.70 -29.55
N HIS C 140 8.21 -12.67 -28.35
CA HIS C 140 6.87 -12.08 -28.21
C HIS C 140 6.95 -10.60 -28.55
N THR C 141 5.90 -10.06 -29.17
CA THR C 141 5.86 -8.63 -29.47
C THR C 141 4.97 -7.85 -28.50
N GLY C 142 4.54 -8.51 -27.44
CA GLY C 142 3.76 -7.90 -26.38
C GLY C 142 4.16 -8.54 -25.06
N TYR C 143 3.57 -8.04 -23.98
CA TYR C 143 3.94 -8.46 -22.63
C TYR C 143 3.84 -9.94 -22.32
N LEU C 144 4.68 -10.43 -21.42
CA LEU C 144 4.60 -11.80 -20.90
C LEU C 144 3.60 -11.81 -19.77
N SER C 145 2.49 -12.51 -19.94
CA SER C 145 1.41 -12.57 -18.93
C SER C 145 1.58 -13.73 -17.98
N CYS C 146 2.05 -14.89 -18.48
CA CYS C 146 2.28 -16.08 -17.66
CA CYS C 146 2.24 -16.10 -17.67
C CYS C 146 3.35 -16.98 -18.27
N CYS C 147 3.90 -17.91 -17.49
CA CYS C 147 4.85 -18.89 -18.06
C CYS C 147 4.90 -20.11 -17.18
N ARG C 148 5.05 -21.29 -17.79
CA ARG C 148 5.20 -22.51 -17.01
C ARG C 148 6.21 -23.48 -17.66
N PHE C 149 7.18 -23.95 -16.88
CA PHE C 149 8.14 -24.95 -17.34
C PHE C 149 7.45 -26.30 -17.53
N LEU C 150 7.85 -27.03 -18.57
CA LEU C 150 7.50 -28.44 -18.73
C LEU C 150 8.59 -29.29 -18.10
N ASP C 151 9.84 -28.91 -18.37
CA ASP C 151 11.05 -29.50 -17.78
C ASP C 151 12.14 -28.42 -17.79
N ASP C 152 13.40 -28.80 -17.52
CA ASP C 152 14.53 -27.83 -17.56
C ASP C 152 14.78 -27.16 -18.94
N ASN C 153 14.43 -27.83 -20.04
CA ASN C 153 14.67 -27.26 -21.36
C ASN C 153 13.44 -26.70 -22.10
N GLN C 154 12.23 -26.92 -21.58
CA GLN C 154 11.04 -26.41 -22.25
C GLN C 154 10.18 -25.58 -21.32
N ILE C 155 9.65 -24.46 -21.86
CA ILE C 155 8.77 -23.58 -21.10
C ILE C 155 7.69 -23.06 -22.07
N VAL C 156 6.44 -22.99 -21.59
CA VAL C 156 5.33 -22.47 -22.40
C VAL C 156 5.01 -21.12 -21.82
N THR C 157 4.67 -20.18 -22.69
CA THR C 157 4.47 -18.77 -22.33
C THR C 157 3.19 -18.23 -22.95
N SER C 158 2.61 -17.19 -22.34
CA SER C 158 1.43 -16.51 -22.89
C SER C 158 1.74 -15.02 -22.95
N SER C 159 1.08 -14.31 -23.85
CA SER C 159 1.43 -12.93 -24.06
C SER C 159 0.31 -12.06 -24.52
N GLY C 160 0.50 -10.78 -24.28
CA GLY C 160 -0.36 -9.74 -24.80
C GLY C 160 -0.30 -9.52 -26.30
N ASP C 161 0.67 -10.13 -26.99
CA ASP C 161 0.62 -10.22 -28.47
C ASP C 161 -0.44 -11.18 -29.06
N THR C 162 -1.28 -11.77 -28.21
CA THR C 162 -2.40 -12.67 -28.54
C THR C 162 -1.98 -14.14 -28.80
N THR C 163 -0.76 -14.51 -28.44
CA THR C 163 -0.27 -15.86 -28.71
C THR C 163 0.36 -16.49 -27.49
N CYS C 164 0.39 -17.80 -27.50
CA CYS C 164 1.24 -18.53 -26.60
C CYS C 164 2.36 -19.13 -27.45
N ALA C 165 3.35 -19.71 -26.79
CA ALA C 165 4.50 -20.27 -27.46
C ALA C 165 5.16 -21.34 -26.59
N LEU C 166 5.70 -22.39 -27.23
CA LEU C 166 6.61 -23.32 -26.54
C LEU C 166 8.05 -22.95 -26.90
N TRP C 167 8.94 -22.89 -25.93
CA TRP C 167 10.34 -22.52 -26.18
C TRP C 167 11.34 -23.63 -25.81
N ASP C 168 12.36 -23.79 -26.64
CA ASP C 168 13.58 -24.55 -26.31
C ASP C 168 14.57 -23.57 -25.64
N ILE C 169 14.88 -23.82 -24.37
CA ILE C 169 15.64 -22.87 -23.54
C ILE C 169 17.12 -22.85 -23.97
N GLU C 170 17.70 -24.02 -24.28
CA GLU C 170 19.06 -24.14 -24.82
C GLU C 170 19.25 -23.23 -26.03
N THR C 171 18.45 -23.43 -27.06
CA THR C 171 18.55 -22.65 -28.30
C THR C 171 17.94 -21.22 -28.18
N GLY C 172 17.07 -21.00 -27.21
CA GLY C 172 16.32 -19.76 -27.12
C GLY C 172 15.23 -19.57 -28.18
N GLN C 173 14.87 -20.63 -28.89
CA GLN C 173 13.94 -20.52 -30.01
C GLN C 173 12.55 -20.94 -29.63
N GLN C 174 11.55 -20.26 -30.20
CA GLN C 174 10.19 -20.74 -30.12
C GLN C 174 10.05 -22.01 -30.99
N THR C 175 9.96 -23.18 -30.37
CA THR C 175 9.66 -24.40 -31.12
C THR C 175 8.26 -24.32 -31.80
N THR C 176 7.25 -23.87 -31.05
CA THR C 176 5.87 -23.87 -31.51
C THR C 176 5.20 -22.54 -31.13
N THR C 177 4.32 -22.07 -32.03
CA THR C 177 3.46 -20.89 -31.77
C THR C 177 1.99 -21.30 -31.79
N PHE C 178 1.24 -20.81 -30.81
CA PHE C 178 -0.19 -21.13 -30.69
C PHE C 178 -1.05 -19.88 -30.97
N THR C 179 -1.69 -19.85 -32.15
CA THR C 179 -2.46 -18.68 -32.58
C THR C 179 -3.94 -19.02 -32.66
N GLY C 180 -4.80 -18.02 -32.58
CA GLY C 180 -6.21 -18.24 -32.44
C GLY C 180 -6.89 -17.21 -31.56
N HIS C 181 -6.28 -16.88 -30.41
CA HIS C 181 -6.89 -15.86 -29.54
C HIS C 181 -6.93 -14.53 -30.28
N THR C 182 -8.05 -13.83 -30.21
CA THR C 182 -8.21 -12.51 -30.86
C THR C 182 -7.98 -11.34 -29.89
N GLY C 183 -7.60 -11.65 -28.64
CA GLY C 183 -7.14 -10.66 -27.66
C GLY C 183 -5.94 -11.14 -26.81
N ASP C 184 -5.42 -10.23 -26.02
CA ASP C 184 -4.28 -10.49 -25.18
C ASP C 184 -4.50 -11.75 -24.37
N VAL C 185 -3.48 -12.60 -24.25
CA VAL C 185 -3.61 -13.84 -23.45
C VAL C 185 -3.07 -13.50 -22.09
N MET C 186 -3.89 -13.71 -21.06
CA MET C 186 -3.58 -13.26 -19.68
C MET C 186 -3.09 -14.35 -18.73
N SER C 187 -3.35 -15.61 -19.07
CA SER C 187 -3.01 -16.71 -18.18
C SER C 187 -3.05 -18.04 -18.92
N LEU C 188 -2.33 -19.02 -18.37
CA LEU C 188 -2.30 -20.36 -18.88
C LEU C 188 -2.08 -21.36 -17.75
N SER C 189 -2.40 -22.62 -18.01
CA SER C 189 -2.14 -23.68 -17.02
C SER C 189 -1.85 -24.97 -17.78
N LEU C 190 -0.80 -25.68 -17.36
CA LEU C 190 -0.43 -26.96 -17.95
C LEU C 190 -1.28 -28.04 -17.37
N ALA C 191 -1.69 -28.99 -18.21
CA ALA C 191 -2.31 -30.20 -17.70
C ALA C 191 -1.25 -30.98 -16.89
N PRO C 192 -1.71 -31.78 -15.90
CA PRO C 192 -0.79 -32.56 -15.06
C PRO C 192 0.28 -33.31 -15.88
N ASP C 193 -0.17 -33.98 -16.94
CA ASP C 193 0.70 -34.72 -17.86
C ASP C 193 1.45 -33.90 -18.96
N THR C 194 1.24 -32.58 -18.98
CA THR C 194 1.93 -31.61 -19.88
C THR C 194 1.79 -31.81 -21.41
N ARG C 195 0.88 -32.67 -21.86
CA ARG C 195 0.59 -32.83 -23.29
C ARG C 195 -0.36 -31.74 -23.79
N LEU C 196 -1.19 -31.21 -22.89
CA LEU C 196 -2.11 -30.12 -23.21
C LEU C 196 -1.92 -28.96 -22.22
N PHE C 197 -2.46 -27.81 -22.60
CA PHE C 197 -2.52 -26.67 -21.72
C PHE C 197 -3.69 -25.80 -22.13
N VAL C 198 -4.16 -24.98 -21.19
CA VAL C 198 -5.28 -24.11 -21.45
C VAL C 198 -4.81 -22.69 -21.26
N SER C 199 -5.36 -21.78 -22.05
CA SER C 199 -5.06 -20.37 -21.98
C SER C 199 -6.35 -19.59 -21.79
N GLY C 200 -6.27 -18.44 -21.13
CA GLY C 200 -7.40 -17.52 -20.96
C GLY C 200 -7.02 -16.11 -21.43
N ALA C 201 -7.96 -15.39 -22.00
CA ALA C 201 -7.64 -14.18 -22.73
C ALA C 201 -8.67 -13.07 -22.61
N CYS C 202 -8.29 -11.92 -23.14
CA CYS C 202 -9.14 -10.75 -23.12
CA CYS C 202 -9.16 -10.76 -23.08
C CYS C 202 -10.25 -10.84 -24.13
N ASP C 203 -10.18 -11.80 -25.03
CA ASP C 203 -11.34 -12.14 -25.88
C ASP C 203 -12.50 -12.82 -25.12
N ALA C 204 -12.37 -12.98 -23.80
CA ALA C 204 -13.35 -13.62 -22.93
C ALA C 204 -13.47 -15.13 -23.13
N SER C 205 -12.54 -15.75 -23.87
CA SER C 205 -12.60 -17.17 -24.13
C SER C 205 -11.38 -17.86 -23.56
N ALA C 206 -11.51 -19.16 -23.32
CA ALA C 206 -10.37 -20.00 -23.00
C ALA C 206 -10.21 -21.04 -24.13
N LYS C 207 -8.96 -21.42 -24.37
CA LYS C 207 -8.63 -22.37 -25.39
C LYS C 207 -7.78 -23.49 -24.80
N LEU C 208 -8.02 -24.68 -25.32
CA LEU C 208 -7.23 -25.88 -25.02
C LEU C 208 -6.32 -26.10 -26.24
N TRP C 209 -5.03 -26.28 -26.00
CA TRP C 209 -4.02 -26.46 -27.05
C TRP C 209 -3.32 -27.81 -26.91
N ASP C 210 -3.05 -28.45 -28.04
CA ASP C 210 -2.14 -29.61 -28.07
C ASP C 210 -0.71 -29.14 -28.22
N VAL C 211 0.16 -29.49 -27.28
CA VAL C 211 1.55 -28.99 -27.28
C VAL C 211 2.31 -29.46 -28.52
N ARG C 212 2.32 -30.76 -28.71
CA ARG C 212 3.05 -31.40 -29.80
C ARG C 212 2.53 -31.01 -31.16
N GLU C 213 1.21 -30.90 -31.34
CA GLU C 213 0.62 -30.57 -32.65
C GLU C 213 0.57 -29.06 -32.90
N GLY C 214 0.46 -28.23 -31.87
CA GLY C 214 0.56 -26.79 -32.03
C GLY C 214 -0.73 -26.09 -32.41
N MET C 215 -1.86 -26.62 -31.94
CA MET C 215 -3.15 -26.21 -32.44
C MET C 215 -4.19 -26.24 -31.36
N CYS C 216 -5.21 -25.43 -31.58
CA CYS C 216 -6.29 -25.30 -30.66
C CYS C 216 -7.27 -26.43 -30.94
N ARG C 217 -7.55 -27.27 -29.92
CA ARG C 217 -8.63 -28.24 -30.01
C ARG C 217 -10.01 -27.66 -29.71
N GLN C 218 -10.10 -26.83 -28.68
CA GLN C 218 -11.39 -26.45 -28.11
C GLN C 218 -11.34 -25.00 -27.62
N THR C 219 -12.42 -24.26 -27.90
CA THR C 219 -12.60 -22.89 -27.44
C THR C 219 -13.81 -22.89 -26.50
N PHE C 220 -13.67 -22.28 -25.32
CA PHE C 220 -14.69 -22.27 -24.30
C PHE C 220 -15.20 -20.87 -24.06
N THR C 221 -16.50 -20.66 -24.16
CA THR C 221 -17.05 -19.30 -24.00
C THR C 221 -18.00 -19.23 -22.81
N GLY C 222 -18.46 -18.01 -22.54
CA GLY C 222 -19.48 -17.71 -21.54
C GLY C 222 -19.14 -16.46 -20.71
N HIS C 223 -17.85 -16.27 -20.45
CA HIS C 223 -17.39 -15.11 -19.69
C HIS C 223 -17.75 -13.86 -20.48
N GLU C 224 -17.95 -12.76 -19.75
CA GLU C 224 -18.37 -11.51 -20.35
C GLU C 224 -17.23 -10.50 -20.42
N SER C 225 -16.07 -10.85 -19.85
CA SER C 225 -14.92 -9.93 -19.73
C SER C 225 -13.65 -10.78 -19.70
N ASP C 226 -12.51 -10.13 -19.41
CA ASP C 226 -11.21 -10.77 -19.55
C ASP C 226 -11.10 -11.97 -18.62
N ILE C 227 -10.43 -13.01 -19.09
CA ILE C 227 -10.10 -14.14 -18.23
C ILE C 227 -8.72 -13.87 -17.70
N ASN C 228 -8.62 -13.53 -16.42
CA ASN C 228 -7.38 -13.12 -15.77
C ASN C 228 -6.59 -14.31 -15.22
N ALA C 229 -7.23 -15.44 -15.03
CA ALA C 229 -6.58 -16.53 -14.34
C ALA C 229 -7.28 -17.82 -14.72
N ILE C 230 -6.52 -18.91 -14.71
CA ILE C 230 -6.99 -20.19 -15.16
C ILE C 230 -6.20 -21.28 -14.45
N CYS C 231 -6.83 -22.43 -14.18
CA CYS C 231 -6.12 -23.54 -13.49
CA CYS C 231 -6.12 -23.54 -13.51
C CYS C 231 -6.75 -24.87 -13.85
N PHE C 232 -5.92 -25.84 -14.21
CA PHE C 232 -6.38 -27.17 -14.54
C PHE C 232 -6.89 -27.85 -13.26
N PHE C 233 -7.89 -28.70 -13.43
CA PHE C 233 -8.38 -29.56 -12.37
C PHE C 233 -7.42 -30.77 -12.34
N PRO C 234 -7.12 -31.32 -11.16
CA PRO C 234 -6.01 -32.30 -11.11
C PRO C 234 -6.15 -33.62 -11.91
N ASN C 235 -7.38 -34.03 -12.27
CA ASN C 235 -7.54 -35.22 -13.15
C ASN C 235 -7.31 -34.95 -14.63
N GLY C 236 -7.20 -33.68 -15.01
CA GLY C 236 -6.84 -33.33 -16.39
C GLY C 236 -7.99 -33.20 -17.35
N ASN C 237 -9.23 -33.46 -16.90
CA ASN C 237 -10.41 -33.41 -17.79
C ASN C 237 -11.26 -32.15 -17.63
N ALA C 238 -10.77 -31.20 -16.84
CA ALA C 238 -11.51 -29.97 -16.55
C ALA C 238 -10.58 -28.86 -16.06
N PHE C 239 -11.07 -27.62 -16.12
CA PHE C 239 -10.33 -26.49 -15.60
C PHE C 239 -11.28 -25.41 -15.09
N ALA C 240 -10.75 -24.47 -14.29
CA ALA C 240 -11.47 -23.32 -13.84
C ALA C 240 -10.89 -21.98 -14.32
N THR C 241 -11.78 -21.02 -14.54
CA THR C 241 -11.41 -19.67 -14.98
C THR C 241 -11.80 -18.63 -13.89
N GLY C 242 -11.05 -17.54 -13.82
CA GLY C 242 -11.40 -16.36 -12.99
C GLY C 242 -11.44 -15.19 -13.95
N SER C 243 -12.46 -14.34 -13.87
CA SER C 243 -12.66 -13.26 -14.85
C SER C 243 -12.96 -11.88 -14.26
N ASP C 244 -12.79 -10.84 -15.05
CA ASP C 244 -13.21 -9.51 -14.64
C ASP C 244 -14.72 -9.41 -14.48
N ASP C 245 -15.48 -10.33 -15.06
CA ASP C 245 -16.94 -10.36 -14.91
C ASP C 245 -17.40 -10.83 -13.54
N ALA C 246 -16.45 -11.09 -12.64
CA ALA C 246 -16.72 -11.41 -11.25
C ALA C 246 -17.06 -12.87 -10.97
N THR C 247 -17.07 -13.69 -12.04
CA THR C 247 -17.35 -15.12 -11.93
C THR C 247 -16.07 -15.95 -12.01
N CYS C 248 -16.03 -17.06 -11.26
CA CYS C 248 -15.20 -18.20 -11.66
C CYS C 248 -16.11 -19.22 -12.34
N ARG C 249 -15.53 -19.97 -13.27
CA ARG C 249 -16.27 -21.04 -13.92
C ARG C 249 -15.48 -22.32 -13.99
N LEU C 250 -16.20 -23.43 -14.06
CA LEU C 250 -15.65 -24.75 -14.18
C LEU C 250 -16.06 -25.27 -15.55
N PHE C 251 -15.10 -25.63 -16.38
CA PHE C 251 -15.33 -26.14 -17.74
C PHE C 251 -14.84 -27.58 -17.82
N ASP C 252 -15.63 -28.47 -18.44
CA ASP C 252 -15.23 -29.87 -18.65
C ASP C 252 -14.77 -30.01 -20.10
N LEU C 253 -13.65 -30.65 -20.33
CA LEU C 253 -13.13 -30.78 -21.69
C LEU C 253 -14.00 -31.73 -22.54
N ARG C 254 -14.34 -32.90 -22.00
CA ARG C 254 -15.13 -33.86 -22.79
C ARG C 254 -16.55 -33.35 -23.06
N ALA C 255 -17.13 -32.56 -22.16
CA ALA C 255 -18.43 -31.98 -22.43
C ALA C 255 -18.35 -30.80 -23.41
N ASP C 256 -17.15 -30.25 -23.56
CA ASP C 256 -16.89 -29.06 -24.34
C ASP C 256 -17.75 -27.88 -23.85
N GLN C 257 -18.04 -27.81 -22.55
CA GLN C 257 -18.84 -26.70 -22.01
C GLN C 257 -18.69 -26.46 -20.51
N GLU C 258 -19.32 -25.37 -20.09
CA GLU C 258 -19.41 -24.99 -18.69
C GLU C 258 -20.27 -25.95 -17.90
N LEU C 259 -19.74 -26.41 -16.78
CA LEU C 259 -20.49 -27.19 -15.83
C LEU C 259 -21.06 -26.29 -14.70
N MET C 260 -20.31 -25.27 -14.30
CA MET C 260 -20.70 -24.49 -13.10
C MET C 260 -20.13 -23.08 -13.08
N THR C 261 -20.90 -22.18 -12.49
CA THR C 261 -20.48 -20.82 -12.23
C THR C 261 -20.51 -20.55 -10.74
N TYR C 262 -19.48 -19.85 -10.29
CA TYR C 262 -19.33 -19.47 -8.92
C TYR C 262 -19.35 -17.94 -8.83
N SER C 263 -20.45 -17.39 -8.32
CA SER C 263 -20.59 -15.98 -8.11
C SER C 263 -21.77 -15.66 -7.18
N HIS C 264 -21.58 -14.68 -6.33
CA HIS C 264 -22.69 -14.00 -5.69
C HIS C 264 -23.00 -12.72 -6.46
N ASP C 265 -24.27 -12.29 -6.43
CA ASP C 265 -24.71 -11.02 -7.03
C ASP C 265 -24.15 -9.76 -6.36
N ASN C 266 -23.78 -9.88 -5.08
CA ASN C 266 -23.12 -8.78 -4.35
C ASN C 266 -21.57 -8.79 -4.42
N ILE C 267 -21.00 -9.68 -5.23
CA ILE C 267 -19.58 -9.57 -5.65
C ILE C 267 -19.56 -9.15 -7.12
N ILE C 268 -19.08 -7.94 -7.37
CA ILE C 268 -19.05 -7.39 -8.72
C ILE C 268 -17.65 -6.98 -9.20
N CYS C 269 -16.63 -7.15 -8.37
CA CYS C 269 -15.24 -6.83 -8.71
C CYS C 269 -14.56 -8.04 -9.36
N GLY C 270 -13.35 -7.83 -9.87
CA GLY C 270 -12.66 -8.83 -10.70
C GLY C 270 -11.95 -9.90 -9.94
N ILE C 271 -11.77 -11.04 -10.57
CA ILE C 271 -11.00 -12.13 -10.00
C ILE C 271 -9.58 -12.05 -10.56
N THR C 272 -8.61 -12.33 -9.70
CA THR C 272 -7.19 -12.22 -10.01
C THR C 272 -6.51 -13.57 -10.15
N SER C 273 -7.06 -14.57 -9.47
CA SER C 273 -6.37 -15.84 -9.31
C SER C 273 -7.33 -16.94 -8.93
N VAL C 274 -7.03 -18.15 -9.37
CA VAL C 274 -7.82 -19.31 -8.98
C VAL C 274 -6.92 -20.51 -8.75
N SER C 275 -7.30 -21.38 -7.82
CA SER C 275 -6.57 -22.62 -7.58
C SER C 275 -7.44 -23.66 -6.89
N PHE C 276 -7.34 -24.90 -7.35
CA PHE C 276 -8.05 -25.99 -6.72
C PHE C 276 -7.23 -26.45 -5.55
N SER C 277 -7.93 -26.97 -4.53
CA SER C 277 -7.27 -27.76 -3.47
C SER C 277 -6.86 -29.09 -4.07
N LYS C 278 -6.11 -29.87 -3.32
CA LYS C 278 -5.54 -31.13 -3.82
C LYS C 278 -6.60 -32.07 -4.39
N SER C 279 -7.65 -32.31 -3.60
CA SER C 279 -8.73 -33.19 -4.03
C SER C 279 -9.68 -32.56 -5.03
N GLY C 280 -9.66 -31.25 -5.11
CA GLY C 280 -10.56 -30.54 -6.03
C GLY C 280 -11.87 -30.16 -5.39
N ARG C 281 -12.06 -30.50 -4.11
CA ARG C 281 -13.30 -30.14 -3.44
C ARG C 281 -13.46 -28.63 -3.31
N LEU C 282 -12.32 -27.96 -3.10
CA LEU C 282 -12.29 -26.52 -2.95
C LEU C 282 -11.65 -25.81 -4.15
N LEU C 283 -12.30 -24.70 -4.57
CA LEU C 283 -11.78 -23.77 -5.53
C LEU C 283 -11.52 -22.45 -4.83
N LEU C 284 -10.25 -22.07 -4.71
CA LEU C 284 -9.86 -20.77 -4.12
C LEU C 284 -9.74 -19.70 -5.20
N ALA C 285 -10.25 -18.50 -4.93
CA ALA C 285 -10.18 -17.39 -5.86
C ALA C 285 -9.83 -16.11 -5.13
N GLY C 286 -8.89 -15.34 -5.66
CA GLY C 286 -8.59 -14.01 -5.14
C GLY C 286 -9.37 -12.95 -5.90
N TYR C 287 -9.67 -11.85 -5.22
CA TYR C 287 -10.50 -10.79 -5.77
C TYR C 287 -9.81 -9.44 -5.60
N ASP C 288 -10.21 -8.48 -6.44
CA ASP C 288 -9.81 -7.08 -6.33
C ASP C 288 -10.16 -6.43 -4.97
N ASP C 289 -11.19 -6.97 -4.28
CA ASP C 289 -11.70 -6.42 -3.00
C ASP C 289 -10.90 -6.80 -1.74
N PHE C 290 -9.72 -7.41 -1.90
CA PHE C 290 -8.69 -7.66 -0.85
C PHE C 290 -8.79 -9.05 -0.22
N ASN C 291 -9.89 -9.77 -0.51
CA ASN C 291 -10.14 -11.10 0.02
C ASN C 291 -10.04 -12.23 -1.00
N CYS C 292 -9.74 -13.41 -0.48
CA CYS C 292 -9.94 -14.66 -1.18
C CYS C 292 -11.24 -15.28 -0.73
N ASN C 293 -11.99 -15.87 -1.64
CA ASN C 293 -13.13 -16.70 -1.29
C ASN C 293 -12.74 -18.17 -1.51
N VAL C 294 -13.16 -19.03 -0.58
CA VAL C 294 -13.03 -20.45 -0.71
C VAL C 294 -14.37 -20.96 -1.15
N TRP C 295 -14.43 -21.51 -2.35
CA TRP C 295 -15.66 -22.08 -2.86
C TRP C 295 -15.67 -23.59 -2.76
N ASP C 296 -16.83 -24.16 -2.42
CA ASP C 296 -17.12 -25.59 -2.56
C ASP C 296 -17.27 -25.85 -4.03
N ALA C 297 -16.30 -26.54 -4.63
CA ALA C 297 -16.34 -26.80 -6.08
C ALA C 297 -17.53 -27.66 -6.51
N LEU C 298 -17.99 -28.57 -5.65
CA LEU C 298 -19.17 -29.44 -5.92
C LEU C 298 -20.53 -28.79 -5.72
N LYS C 299 -20.66 -28.02 -4.66
CA LYS C 299 -21.96 -27.47 -4.30
C LYS C 299 -22.16 -26.01 -4.73
N ALA C 300 -21.11 -25.36 -5.28
CA ALA C 300 -21.16 -23.96 -5.73
C ALA C 300 -21.46 -22.88 -4.66
N ASP C 301 -21.16 -23.15 -3.41
CA ASP C 301 -21.34 -22.19 -2.32
C ASP C 301 -20.01 -21.74 -1.81
N ARG C 302 -20.00 -20.59 -1.16
CA ARG C 302 -18.82 -20.12 -0.55
C ARG C 302 -18.65 -20.80 0.78
N ALA C 303 -17.57 -21.54 0.97
CA ALA C 303 -17.32 -22.25 2.22
C ALA C 303 -16.52 -21.47 3.26
N GLY C 304 -15.79 -20.46 2.83
CA GLY C 304 -14.94 -19.74 3.77
C GLY C 304 -14.20 -18.61 3.09
N VAL C 305 -13.34 -17.92 3.83
CA VAL C 305 -12.67 -16.70 3.39
C VAL C 305 -11.23 -16.68 3.90
N LEU C 306 -10.29 -16.15 3.14
CA LEU C 306 -8.96 -15.78 3.66
C LEU C 306 -8.90 -14.27 3.66
N ALA C 307 -8.93 -13.67 4.85
CA ALA C 307 -9.03 -12.23 4.98
C ALA C 307 -7.84 -11.80 5.80
N GLY C 308 -6.91 -11.12 5.15
CA GLY C 308 -5.72 -10.64 5.82
C GLY C 308 -4.65 -10.04 4.91
N HIS C 309 -5.09 -9.20 4.01
CA HIS C 309 -4.20 -8.43 3.18
C HIS C 309 -4.84 -7.06 3.14
N ASP C 310 -4.02 -6.02 3.08
CA ASP C 310 -4.58 -4.67 3.12
C ASP C 310 -4.72 -4.03 1.74
N ASN C 311 -4.50 -4.85 0.71
CA ASN C 311 -4.76 -4.47 -0.69
C ASN C 311 -5.11 -5.77 -1.41
N ARG C 312 -5.27 -5.74 -2.72
CA ARG C 312 -5.80 -6.92 -3.39
C ARG C 312 -4.92 -8.13 -3.32
N VAL C 313 -5.54 -9.31 -3.27
CA VAL C 313 -4.81 -10.55 -3.49
C VAL C 313 -4.59 -10.66 -4.99
N SER C 314 -3.33 -10.59 -5.44
CA SER C 314 -3.00 -10.66 -6.87
C SER C 314 -2.70 -12.07 -7.40
N CYS C 315 -2.36 -13.00 -6.53
CA CYS C 315 -1.92 -14.32 -6.97
C CYS C 315 -2.05 -15.28 -5.84
N LEU C 316 -2.29 -16.54 -6.17
CA LEU C 316 -2.26 -17.55 -5.13
C LEU C 316 -1.80 -18.89 -5.65
N GLY C 317 -1.64 -19.85 -4.76
CA GLY C 317 -1.04 -21.10 -5.13
C GLY C 317 -1.19 -22.13 -4.04
N VAL C 318 -1.66 -23.32 -4.43
CA VAL C 318 -1.74 -24.43 -3.50
C VAL C 318 -0.57 -25.36 -3.72
N THR C 319 -0.01 -25.87 -2.64
CA THR C 319 1.12 -26.82 -2.72
C THR C 319 0.71 -28.17 -3.30
N ASP C 320 1.67 -28.84 -3.94
CA ASP C 320 1.49 -30.20 -4.47
C ASP C 320 1.07 -31.25 -3.44
N ASP C 321 1.44 -31.08 -2.18
CA ASP C 321 1.02 -31.99 -1.10
C ASP C 321 -0.31 -31.58 -0.44
N GLY C 322 -0.84 -30.43 -0.87
CA GLY C 322 -2.10 -29.91 -0.38
C GLY C 322 -2.08 -29.30 1.00
N MET C 323 -0.92 -29.19 1.61
CA MET C 323 -0.81 -28.72 3.01
C MET C 323 -0.98 -27.21 3.18
N ALA C 324 -0.88 -26.44 2.09
CA ALA C 324 -0.88 -24.99 2.22
C ALA C 324 -1.33 -24.24 0.99
N VAL C 325 -1.93 -23.08 1.27
CA VAL C 325 -2.23 -22.08 0.26
C VAL C 325 -1.30 -20.88 0.50
N ALA C 326 -0.67 -20.40 -0.56
CA ALA C 326 0.05 -19.15 -0.52
C ALA C 326 -0.79 -18.10 -1.18
N THR C 327 -0.91 -16.93 -0.56
CA THR C 327 -1.37 -15.72 -1.22
C THR C 327 -0.23 -14.72 -1.38
N GLY C 328 -0.31 -13.90 -2.40
CA GLY C 328 0.52 -12.73 -2.60
C GLY C 328 -0.36 -11.53 -2.91
N SER C 329 0.08 -10.36 -2.47
CA SER C 329 -0.77 -9.19 -2.52
C SER C 329 -0.05 -7.93 -2.95
N TRP C 330 -0.86 -6.93 -3.28
CA TRP C 330 -0.43 -5.57 -3.60
C TRP C 330 0.01 -4.78 -2.35
N ASP C 331 -0.23 -5.32 -1.17
CA ASP C 331 0.19 -4.74 0.10
C ASP C 331 1.65 -5.11 0.45
N SER C 332 2.29 -5.90 -0.43
CA SER C 332 3.71 -6.32 -0.43
C SER C 332 4.06 -7.55 0.41
N PHE C 333 3.07 -8.22 0.99
CA PHE C 333 3.35 -9.45 1.72
C PHE C 333 2.78 -10.66 1.01
N LEU C 334 3.43 -11.81 1.18
CA LEU C 334 2.80 -13.08 0.92
C LEU C 334 2.37 -13.73 2.21
N LYS C 335 1.26 -14.45 2.18
CA LYS C 335 0.83 -15.25 3.33
C LYS C 335 0.66 -16.73 2.99
N ILE C 336 1.06 -17.58 3.92
CA ILE C 336 0.86 -19.02 3.89
C ILE C 336 -0.30 -19.34 4.85
N TRP C 337 -1.30 -20.09 4.37
CA TRP C 337 -2.47 -20.43 5.15
C TRP C 337 -2.75 -21.93 5.12
N ASN C 338 -3.22 -22.45 6.25
CA ASN C 338 -3.90 -23.75 6.25
C ASN C 338 -4.73 -23.92 7.51
N GLU D 1 -0.15 -4.45 -41.72
CA GLU D 1 0.36 -4.90 -40.38
C GLU D 1 -0.78 -5.19 -39.38
N ASP D 2 -1.85 -4.40 -39.42
CA ASP D 2 -3.09 -4.79 -38.75
C ASP D 2 -3.72 -5.95 -39.51
N LEU D 3 -4.27 -6.91 -38.77
CA LEU D 3 -5.19 -7.90 -39.34
C LEU D 3 -6.46 -7.14 -39.75
N THR D 4 -7.02 -7.48 -40.91
CA THR D 4 -8.24 -6.86 -41.44
C THR D 4 -9.45 -7.60 -40.88
N GLU D 5 -10.62 -7.15 -41.29
CA GLU D 5 -11.88 -7.80 -40.94
C GLU D 5 -12.04 -9.19 -41.59
N LYS D 6 -11.78 -9.25 -42.90
CA LYS D 6 -11.88 -10.50 -43.66
C LYS D 6 -10.80 -11.52 -43.24
N ASP D 7 -9.58 -11.02 -42.96
CA ASP D 7 -8.50 -11.84 -42.35
C ASP D 7 -8.99 -12.65 -41.16
N LYS D 8 -9.77 -11.96 -40.31
CA LYS D 8 -10.26 -12.51 -39.03
C LYS D 8 -11.44 -13.47 -39.16
N LEU D 9 -12.42 -13.09 -39.97
CA LEU D 9 -13.55 -13.99 -40.22
C LEU D 9 -13.09 -15.34 -40.77
N LYS D 10 -12.04 -15.33 -41.60
CA LYS D 10 -11.48 -16.57 -42.14
C LYS D 10 -10.85 -17.44 -41.05
N MET D 11 -10.15 -16.81 -40.11
CA MET D 11 -9.55 -17.56 -39.01
C MET D 11 -10.60 -18.05 -38.03
N GLU D 12 -11.69 -17.27 -37.90
CA GLU D 12 -12.82 -17.62 -37.03
C GLU D 12 -13.57 -18.84 -37.58
N VAL D 13 -13.87 -18.84 -38.87
CA VAL D 13 -14.60 -19.97 -39.46
C VAL D 13 -13.73 -21.21 -39.50
N ASP D 14 -12.42 -21.04 -39.78
CA ASP D 14 -11.48 -22.17 -39.83
C ASP D 14 -11.54 -22.96 -38.50
N GLN D 15 -11.48 -22.19 -37.41
CA GLN D 15 -11.60 -22.75 -36.08
C GLN D 15 -13.00 -23.31 -35.75
N LEU D 16 -14.06 -22.55 -36.09
CA LEU D 16 -15.44 -23.04 -35.91
C LEU D 16 -15.68 -24.37 -36.65
N LYS D 17 -15.21 -24.45 -37.90
CA LYS D 17 -15.34 -25.67 -38.69
C LYS D 17 -14.68 -26.88 -38.01
N LYS D 18 -13.55 -26.67 -37.32
CA LYS D 18 -12.93 -27.79 -36.62
C LYS D 18 -13.73 -28.23 -35.38
N GLU D 19 -14.30 -27.25 -34.67
CA GLU D 19 -14.96 -27.47 -33.39
C GLU D 19 -16.37 -28.08 -33.57
N VAL D 20 -17.02 -27.82 -34.70
CA VAL D 20 -18.38 -28.34 -34.91
C VAL D 20 -18.45 -29.89 -34.90
N THR D 21 -17.34 -30.55 -35.24
CA THR D 21 -17.29 -32.00 -35.34
C THR D 21 -16.95 -32.73 -34.03
N LEU D 22 -16.54 -32.01 -32.99
CA LEU D 22 -16.20 -32.59 -31.69
C LEU D 22 -17.28 -33.53 -31.14
N GLU D 23 -16.89 -34.73 -30.71
CA GLU D 23 -17.77 -35.62 -29.95
C GLU D 23 -17.85 -35.14 -28.51
N ARG D 24 -19.04 -34.69 -28.11
CA ARG D 24 -19.25 -34.14 -26.78
C ARG D 24 -19.87 -35.19 -25.87
N MET D 25 -19.27 -35.39 -24.69
CA MET D 25 -19.82 -36.30 -23.69
C MET D 25 -20.98 -35.59 -22.96
N LEU D 26 -21.89 -36.40 -22.42
CA LEU D 26 -23.05 -35.90 -21.69
C LEU D 26 -22.59 -35.19 -20.43
N VAL D 27 -23.17 -34.04 -20.15
CA VAL D 27 -22.81 -33.25 -18.98
C VAL D 27 -23.02 -34.04 -17.67
N SER D 28 -24.08 -34.84 -17.62
CA SER D 28 -24.34 -35.69 -16.48
C SER D 28 -23.17 -36.63 -16.22
N LYS D 29 -22.69 -37.30 -17.26
CA LYS D 29 -21.59 -38.27 -17.11
C LYS D 29 -20.26 -37.58 -16.70
N CYS D 30 -20.06 -36.37 -17.22
CA CYS D 30 -18.92 -35.55 -16.83
C CYS D 30 -19.02 -35.12 -15.37
N CYS D 31 -20.17 -34.56 -14.99
CA CYS D 31 -20.46 -34.24 -13.59
C CYS D 31 -20.36 -35.44 -12.63
N GLU D 32 -20.73 -36.63 -13.07
CA GLU D 32 -20.66 -37.81 -12.21
C GLU D 32 -19.20 -38.16 -11.90
N GLU D 33 -18.37 -38.19 -12.93
CA GLU D 33 -16.96 -38.54 -12.79
C GLU D 33 -16.18 -37.49 -12.04
N PHE D 34 -16.57 -36.24 -12.25
CA PHE D 34 -16.02 -35.13 -11.50
C PHE D 34 -16.29 -35.33 -10.01
N ARG D 35 -17.57 -35.55 -9.67
CA ARG D 35 -18.00 -35.80 -8.29
C ARG D 35 -17.20 -36.93 -7.63
N ASP D 36 -17.11 -38.05 -8.34
CA ASP D 36 -16.50 -39.28 -7.79
C ASP D 36 -15.03 -39.07 -7.55
N TYR D 37 -14.35 -38.30 -8.44
CA TYR D 37 -12.96 -37.91 -8.25
C TYR D 37 -12.83 -37.18 -6.92
N VAL D 38 -13.66 -36.15 -6.73
CA VAL D 38 -13.56 -35.33 -5.52
C VAL D 38 -13.92 -36.15 -4.28
N GLU D 39 -14.98 -36.94 -4.40
CA GLU D 39 -15.44 -37.76 -3.28
C GLU D 39 -14.45 -38.83 -2.84
N GLU D 40 -13.68 -39.38 -3.78
CA GLU D 40 -12.61 -40.33 -3.41
C GLU D 40 -11.51 -39.73 -2.52
N ARG D 41 -11.28 -38.42 -2.63
CA ARG D 41 -10.07 -37.79 -2.07
C ARG D 41 -10.28 -36.72 -1.02
N SER D 42 -11.50 -36.24 -0.81
CA SER D 42 -11.73 -35.02 0.00
C SER D 42 -11.61 -35.23 1.51
N GLY D 43 -11.89 -36.43 1.99
CA GLY D 43 -11.54 -36.82 3.36
C GLY D 43 -10.05 -36.67 3.66
N GLU D 44 -9.21 -36.93 2.66
CA GLU D 44 -7.75 -36.76 2.77
C GLU D 44 -7.16 -35.40 2.35
N ASP D 45 -7.98 -34.50 1.82
CA ASP D 45 -7.53 -33.15 1.47
C ASP D 45 -7.17 -32.33 2.73
N PRO D 46 -5.88 -31.99 2.92
CA PRO D 46 -5.59 -31.27 4.16
C PRO D 46 -6.34 -29.94 4.35
N LEU D 47 -6.77 -29.27 3.28
CA LEU D 47 -7.45 -27.98 3.42
C LEU D 47 -8.97 -28.14 3.68
N VAL D 48 -9.54 -29.28 3.35
CA VAL D 48 -10.89 -29.66 3.80
C VAL D 48 -10.94 -30.13 5.26
N LYS D 49 -10.11 -31.14 5.54
CA LYS D 49 -10.15 -31.90 6.78
C LYS D 49 -9.59 -31.14 7.96
N GLY D 50 -8.46 -30.47 7.73
CA GLY D 50 -7.68 -29.83 8.79
C GLY D 50 -6.46 -30.70 9.03
N ILE D 51 -5.41 -30.06 9.52
CA ILE D 51 -4.13 -30.73 9.80
C ILE D 51 -3.92 -30.68 11.31
N PRO D 52 -3.49 -31.81 11.92
CA PRO D 52 -3.23 -31.76 13.37
C PRO D 52 -1.99 -30.92 13.65
N GLU D 53 -2.02 -30.04 14.66
CA GLU D 53 -0.88 -29.14 14.92
C GLU D 53 0.49 -29.83 15.00
N ASP D 54 0.51 -31.08 15.42
CA ASP D 54 1.72 -31.92 15.44
C ASP D 54 2.27 -32.22 14.05
N LYS D 55 1.38 -32.47 13.08
CA LYS D 55 1.72 -32.79 11.70
C LYS D 55 1.80 -31.55 10.74
N ASN D 56 1.63 -30.33 11.24
CA ASN D 56 1.55 -29.13 10.36
C ASN D 56 2.94 -28.55 10.11
N PRO D 57 3.51 -28.74 8.90
CA PRO D 57 4.86 -28.21 8.70
C PRO D 57 4.97 -26.69 8.85
N PHE D 58 3.84 -25.97 8.89
CA PHE D 58 3.82 -24.52 9.03
C PHE D 58 3.37 -24.06 10.44
N LYS D 59 3.92 -24.63 11.50
CA LYS D 59 3.48 -24.28 12.86
C LYS D 59 3.48 -22.75 13.12
N GLN E 1 10.50 0.12 -7.68
CA GLN E 1 11.37 0.73 -8.71
C GLN E 1 10.64 1.04 -10.03
N VAL E 2 9.32 1.20 -10.03
CA VAL E 2 8.58 1.64 -11.22
C VAL E 2 7.51 2.67 -10.88
N GLN E 3 7.21 3.53 -11.84
CA GLN E 3 6.24 4.62 -11.66
CA GLN E 3 6.24 4.62 -11.67
C GLN E 3 5.44 4.82 -12.97
N LEU E 4 4.10 4.74 -12.87
CA LEU E 4 3.18 5.21 -13.91
C LEU E 4 2.54 6.45 -13.33
N VAL E 5 2.98 7.61 -13.80
CA VAL E 5 2.54 8.91 -13.28
C VAL E 5 1.55 9.61 -14.24
N GLU E 6 0.32 9.80 -13.77
CA GLU E 6 -0.72 10.55 -14.48
C GLU E 6 -0.71 12.03 -14.11
N SER E 7 -1.10 12.87 -15.04
CA SER E 7 -1.34 14.28 -14.73
C SER E 7 -2.36 14.83 -15.68
N GLY E 8 -2.87 15.99 -15.34
CA GLY E 8 -3.63 16.82 -16.27
C GLY E 8 -5.11 16.87 -16.04
N GLY E 9 -5.62 16.23 -15.00
CA GLY E 9 -7.07 16.27 -14.73
C GLY E 9 -7.52 17.56 -14.09
N GLY E 10 -8.76 17.55 -13.63
CA GLY E 10 -9.30 18.68 -12.89
C GLY E 10 -10.71 19.01 -13.33
N LEU E 11 -11.08 20.27 -13.09
CA LEU E 11 -12.44 20.75 -13.33
C LEU E 11 -12.43 21.61 -14.55
N VAL E 12 -13.39 21.34 -15.41
CA VAL E 12 -13.53 22.05 -16.65
C VAL E 12 -15.04 22.22 -16.98
N GLN E 13 -15.34 23.29 -17.72
CA GLN E 13 -16.72 23.61 -18.15
C GLN E 13 -17.11 22.72 -19.32
N ALA E 14 -18.37 22.31 -19.41
CA ALA E 14 -18.82 21.43 -20.49
C ALA E 14 -18.50 22.05 -21.86
N GLY E 15 -18.01 21.22 -22.78
CA GLY E 15 -17.46 21.68 -24.06
C GLY E 15 -15.96 22.00 -24.07
N GLY E 16 -15.35 22.18 -22.90
CA GLY E 16 -13.90 22.41 -22.78
C GLY E 16 -13.03 21.17 -22.97
N SER E 17 -11.73 21.35 -22.77
CA SER E 17 -10.71 20.36 -23.08
C SER E 17 -9.77 20.07 -21.90
N LEU E 18 -9.32 18.81 -21.83
CA LEU E 18 -8.26 18.37 -20.87
C LEU E 18 -7.24 17.49 -21.57
N ARG E 19 -5.97 17.65 -21.21
CA ARG E 19 -4.89 16.84 -21.78
C ARG E 19 -4.27 15.96 -20.70
N LEU E 20 -4.82 14.76 -20.53
CA LEU E 20 -4.22 13.80 -19.57
C LEU E 20 -2.93 13.24 -20.14
N SER E 21 -1.92 13.09 -19.29
CA SER E 21 -0.63 12.52 -19.66
C SER E 21 -0.44 11.29 -18.85
N CYS E 22 0.34 10.36 -19.34
CA CYS E 22 0.80 9.28 -18.50
C CYS E 22 2.28 8.96 -18.79
N ALA E 23 3.12 9.23 -17.80
CA ALA E 23 4.58 9.21 -17.94
C ALA E 23 5.14 7.97 -17.23
N ALA E 24 5.71 7.05 -17.99
CA ALA E 24 6.26 5.85 -17.43
C ALA E 24 7.72 6.08 -17.04
N SER E 25 8.14 5.47 -15.93
CA SER E 25 9.56 5.48 -15.54
C SER E 25 10.51 4.71 -16.46
N GLY E 26 10.00 3.88 -17.37
CA GLY E 26 10.80 3.27 -18.41
C GLY E 26 10.09 3.22 -19.76
N SER E 27 10.74 2.65 -20.77
CA SER E 27 10.23 2.59 -22.16
C SER E 27 9.18 1.51 -22.48
N ILE E 28 8.18 1.38 -21.61
CA ILE E 28 7.20 0.31 -21.78
C ILE E 28 6.24 0.56 -22.94
N PHE E 29 5.93 1.84 -23.19
CA PHE E 29 4.97 2.20 -24.26
C PHE E 29 5.50 1.88 -25.64
N SER E 30 6.83 1.83 -25.79
CA SER E 30 7.41 1.56 -27.11
C SER E 30 7.35 0.09 -27.55
N ILE E 31 7.08 -0.85 -26.66
CA ILE E 31 6.94 -2.25 -27.07
C ILE E 31 5.64 -2.92 -26.55
N ASN E 32 4.68 -2.11 -26.10
CA ASN E 32 3.37 -2.65 -25.73
C ASN E 32 2.27 -1.69 -26.03
N ALA E 33 1.08 -2.24 -26.25
CA ALA E 33 -0.14 -1.46 -26.31
C ALA E 33 -0.41 -0.93 -24.92
N MET E 34 -1.15 0.17 -24.82
CA MET E 34 -1.62 0.64 -23.51
C MET E 34 -3.06 1.09 -23.68
N GLY E 35 -3.71 1.39 -22.57
CA GLY E 35 -5.15 1.69 -22.53
C GLY E 35 -5.46 2.70 -21.44
N TRP E 36 -6.41 3.57 -21.75
CA TRP E 36 -6.94 4.52 -20.80
C TRP E 36 -8.34 4.03 -20.40
N TYR E 37 -8.58 3.95 -19.10
CA TYR E 37 -9.83 3.46 -18.54
C TYR E 37 -10.43 4.54 -17.71
N ARG E 38 -11.72 4.44 -17.46
CA ARG E 38 -12.36 5.38 -16.56
C ARG E 38 -13.43 4.67 -15.71
N GLN E 39 -13.70 5.23 -14.55
CA GLN E 39 -14.68 4.72 -13.59
C GLN E 39 -15.42 5.89 -12.96
N ALA E 40 -16.68 6.06 -13.36
CA ALA E 40 -17.54 7.09 -12.79
C ALA E 40 -18.08 6.62 -11.43
N PRO E 41 -18.59 7.57 -10.61
CA PRO E 41 -19.28 7.24 -9.34
C PRO E 41 -20.32 6.09 -9.47
N GLY E 42 -19.94 4.92 -8.92
CA GLY E 42 -20.80 3.77 -8.85
C GLY E 42 -21.12 3.05 -10.15
N LYS E 43 -20.25 3.15 -11.16
CA LYS E 43 -20.35 2.28 -12.35
C LYS E 43 -19.08 1.43 -12.41
N GLN E 44 -19.08 0.49 -13.35
CA GLN E 44 -17.92 -0.38 -13.62
C GLN E 44 -16.86 0.40 -14.41
N ARG E 45 -15.59 0.08 -14.12
CA ARG E 45 -14.44 0.56 -14.92
C ARG E 45 -14.58 0.11 -16.39
N GLU E 46 -14.43 1.04 -17.33
CA GLU E 46 -14.53 0.74 -18.75
C GLU E 46 -13.32 1.27 -19.53
N LEU E 47 -12.94 0.56 -20.59
CA LEU E 47 -11.99 1.08 -21.56
C LEU E 47 -12.56 2.32 -22.28
N VAL E 48 -11.67 3.25 -22.58
CA VAL E 48 -12.05 4.51 -23.20
C VAL E 48 -11.29 4.72 -24.51
N ALA E 49 -10.00 4.39 -24.50
CA ALA E 49 -9.11 4.64 -25.61
C ALA E 49 -7.97 3.68 -25.43
N ALA E 50 -7.58 3.01 -26.52
CA ALA E 50 -6.44 2.10 -26.49
C ALA E 50 -5.57 2.38 -27.70
N ILE E 51 -4.29 2.04 -27.60
CA ILE E 51 -3.34 2.24 -28.69
C ILE E 51 -2.44 1.01 -28.77
N THR E 52 -2.33 0.42 -29.96
CA THR E 52 -1.48 -0.74 -30.16
C THR E 52 -0.04 -0.29 -30.15
N ARG E 53 0.84 -1.27 -30.11
CA ARG E 53 2.28 -0.98 -30.20
C ARG E 53 2.63 -0.17 -31.47
N GLY E 54 2.02 -0.53 -32.60
CA GLY E 54 2.28 0.12 -33.89
C GLY E 54 1.47 1.39 -34.14
N GLY E 55 0.55 1.72 -33.24
CA GLY E 55 -0.09 3.02 -33.25
C GLY E 55 -1.54 3.08 -33.66
N ARG E 56 -2.16 1.92 -33.87
CA ARG E 56 -3.59 1.87 -34.17
C ARG E 56 -4.37 2.21 -32.89
N THR E 57 -5.20 3.25 -32.98
CA THR E 57 -6.03 3.68 -31.91
C THR E 57 -7.41 3.02 -32.03
N ASN E 58 -8.14 3.06 -30.92
CA ASN E 58 -9.48 2.51 -30.85
C ASN E 58 -10.14 3.10 -29.61
N TYR E 59 -11.35 3.62 -29.79
CA TYR E 59 -12.09 4.37 -28.77
C TYR E 59 -13.46 3.74 -28.47
N ALA E 60 -13.97 3.97 -27.26
CA ALA E 60 -15.35 3.63 -26.93
C ALA E 60 -16.26 4.56 -27.74
N ASP E 61 -17.45 4.09 -28.08
CA ASP E 61 -18.37 4.85 -28.97
C ASP E 61 -18.76 6.23 -28.38
N SER E 62 -18.93 6.33 -27.04
CA SER E 62 -19.31 7.61 -26.40
C SER E 62 -18.28 8.72 -26.57
N VAL E 63 -17.02 8.37 -26.80
CA VAL E 63 -15.95 9.38 -26.96
C VAL E 63 -15.36 9.54 -28.38
N LYS E 64 -15.61 8.58 -29.28
CA LYS E 64 -15.09 8.63 -30.65
C LYS E 64 -15.28 10.03 -31.26
N GLY E 65 -14.21 10.62 -31.81
CA GLY E 65 -14.26 11.97 -32.42
C GLY E 65 -13.94 13.14 -31.48
N ARG E 66 -14.06 12.93 -30.19
CA ARG E 66 -13.74 13.94 -29.19
C ARG E 66 -12.42 13.65 -28.46
N PHE E 67 -12.06 12.37 -28.30
CA PHE E 67 -10.92 11.93 -27.48
C PHE E 67 -9.91 11.36 -28.45
N THR E 68 -8.69 11.87 -28.42
CA THR E 68 -7.63 11.37 -29.28
C THR E 68 -6.48 10.88 -28.42
N LEU E 69 -6.03 9.63 -28.61
CA LEU E 69 -4.92 9.05 -27.81
C LEU E 69 -3.60 9.07 -28.59
N SER E 70 -2.61 9.87 -28.13
CA SER E 70 -1.30 10.01 -28.84
C SER E 70 -0.14 9.59 -27.94
N ARG E 71 1.09 9.59 -28.46
CA ARG E 71 2.23 8.93 -27.81
C ARG E 71 3.55 9.60 -28.16
N ASP E 72 4.38 9.90 -27.16
CA ASP E 72 5.78 10.29 -27.40
C ASP E 72 6.73 9.28 -26.77
N ASN E 73 7.14 8.28 -27.56
CA ASN E 73 8.03 7.22 -27.03
C ASN E 73 9.34 7.74 -26.47
N ALA E 74 9.88 8.81 -27.07
CA ALA E 74 11.19 9.31 -26.68
C ALA E 74 11.18 9.96 -25.29
N LYS E 75 9.99 10.22 -24.73
CA LYS E 75 9.92 10.55 -23.32
C LYS E 75 8.89 9.74 -22.54
N ASN E 76 8.71 8.49 -22.97
CA ASN E 76 7.93 7.51 -22.21
C ASN E 76 6.58 8.02 -21.72
N THR E 77 5.90 8.73 -22.61
CA THR E 77 4.67 9.38 -22.29
C THR E 77 3.62 9.07 -23.36
N VAL E 78 2.38 9.01 -22.91
CA VAL E 78 1.20 8.98 -23.78
C VAL E 78 0.30 10.12 -23.34
N TYR E 79 -0.59 10.52 -24.22
CA TYR E 79 -1.48 11.65 -23.95
C TYR E 79 -2.89 11.25 -24.39
N LEU E 80 -3.88 11.63 -23.58
CA LEU E 80 -5.25 11.50 -23.96
C LEU E 80 -5.82 12.91 -24.05
N GLN E 81 -5.97 13.43 -25.27
CA GLN E 81 -6.56 14.75 -25.50
C GLN E 81 -8.06 14.54 -25.49
N MET E 82 -8.75 15.23 -24.60
CA MET E 82 -10.17 15.08 -24.45
C MET E 82 -10.80 16.43 -24.78
N ASN E 83 -11.52 16.49 -25.90
CA ASN E 83 -12.12 17.76 -26.36
C ASN E 83 -13.64 17.68 -26.25
N SER E 84 -14.27 18.85 -26.25
CA SER E 84 -15.75 19.00 -26.15
C SER E 84 -16.35 18.03 -25.12
N LEU E 85 -15.95 18.28 -23.88
CA LEU E 85 -16.26 17.37 -22.80
C LEU E 85 -17.71 17.55 -22.38
N LYS E 86 -18.31 16.47 -21.90
CA LYS E 86 -19.68 16.47 -21.43
C LYS E 86 -19.73 16.00 -19.98
N PRO E 87 -20.84 16.29 -19.28
CA PRO E 87 -21.04 15.82 -17.90
C PRO E 87 -20.80 14.32 -17.67
N GLU E 88 -21.22 13.46 -18.60
CA GLU E 88 -21.07 11.99 -18.42
C GLU E 88 -19.63 11.43 -18.56
N ASP E 89 -18.69 12.28 -18.99
CA ASP E 89 -17.26 11.93 -19.03
C ASP E 89 -16.59 12.11 -17.66
N THR E 90 -17.30 12.73 -16.71
CA THR E 90 -16.85 12.85 -15.33
C THR E 90 -16.62 11.48 -14.73
N ALA E 91 -15.42 11.27 -14.21
CA ALA E 91 -14.94 9.96 -13.73
C ALA E 91 -13.50 10.05 -13.25
N VAL E 92 -13.01 8.93 -12.72
CA VAL E 92 -11.59 8.73 -12.45
C VAL E 92 -11.00 7.99 -13.66
N TYR E 93 -9.98 8.60 -14.30
CA TYR E 93 -9.29 8.03 -15.46
C TYR E 93 -7.98 7.40 -15.03
N TYR E 94 -7.70 6.20 -15.54
CA TYR E 94 -6.53 5.44 -15.14
C TYR E 94 -5.72 5.10 -16.38
N CYS E 95 -4.43 5.20 -16.21
CA CYS E 95 -3.46 4.81 -17.21
C CYS E 95 -3.14 3.31 -16.99
N ASN E 96 -2.99 2.48 -18.03
CA ASN E 96 -2.76 1.03 -17.86
C ASN E 96 -1.88 0.37 -18.91
N VAL E 97 -0.98 -0.52 -18.49
CA VAL E 97 -0.29 -1.42 -19.40
C VAL E 97 -0.41 -2.82 -18.81
N GLY E 98 -0.90 -3.75 -19.63
CA GLY E 98 -0.97 -5.15 -19.26
C GLY E 98 -2.30 -5.56 -18.70
N ARG E 99 -3.32 -4.70 -18.86
CA ARG E 99 -4.71 -5.00 -18.45
C ARG E 99 -4.83 -5.31 -16.96
N SER E 100 -5.65 -6.30 -16.57
CA SER E 100 -5.91 -6.56 -15.14
C SER E 100 -4.76 -7.27 -14.50
N ARG E 101 -4.00 -7.99 -15.28
CA ARG E 101 -2.73 -8.57 -14.82
C ARG E 101 -1.57 -7.53 -14.72
N GLY E 102 -1.80 -6.27 -15.07
CA GLY E 102 -0.74 -5.31 -15.32
C GLY E 102 -0.59 -4.12 -14.37
N TYR E 103 -0.12 -3.01 -14.94
CA TYR E 103 0.34 -1.82 -14.19
C TYR E 103 -0.69 -0.72 -14.37
N TRP E 104 -1.05 -0.08 -13.26
CA TRP E 104 -2.06 0.98 -13.23
C TRP E 104 -1.48 2.25 -12.60
N GLY E 105 -1.97 3.42 -13.04
CA GLY E 105 -1.71 4.65 -12.34
C GLY E 105 -2.69 4.77 -11.19
N GLN E 106 -2.53 5.80 -10.38
CA GLN E 106 -3.39 5.99 -9.19
C GLN E 106 -4.81 6.43 -9.48
N GLY E 107 -5.01 7.02 -10.66
CA GLY E 107 -6.30 7.61 -11.04
C GLY E 107 -6.23 9.13 -11.05
N THR E 108 -6.77 9.74 -12.10
CA THR E 108 -6.90 11.17 -12.21
C THR E 108 -8.40 11.49 -12.30
N GLN E 109 -8.87 12.37 -11.42
CA GLN E 109 -10.28 12.77 -11.42
C GLN E 109 -10.46 13.86 -12.49
N VAL E 110 -11.48 13.65 -13.32
CA VAL E 110 -11.91 14.57 -14.34
C VAL E 110 -13.34 14.95 -13.99
N THR E 111 -13.59 16.25 -13.86
CA THR E 111 -14.91 16.77 -13.50
C THR E 111 -15.40 17.78 -14.54
N VAL E 112 -16.59 17.49 -15.07
CA VAL E 112 -17.18 18.27 -16.15
C VAL E 112 -18.52 18.80 -15.67
N SER E 113 -18.61 20.12 -15.51
CA SER E 113 -19.80 20.77 -14.97
C SER E 113 -20.60 21.52 -16.07
N SER E 114 -21.94 21.50 -15.98
CA SER E 114 -22.84 22.28 -16.87
C SER E 114 -23.87 23.06 -16.06
N GLN F 1 10.50 7.04 -4.17
CA GLN F 1 11.89 7.08 -4.65
C GLN F 1 12.94 6.75 -3.58
N VAL F 2 12.59 5.94 -2.58
CA VAL F 2 13.54 5.52 -1.53
C VAL F 2 13.32 4.06 -1.15
N GLN F 3 14.37 3.42 -0.63
CA GLN F 3 14.30 2.01 -0.23
C GLN F 3 15.17 1.80 1.04
N LEU F 4 14.53 1.31 2.12
CA LEU F 4 15.21 0.77 3.28
C LEU F 4 15.03 -0.74 3.21
N VAL F 5 16.11 -1.43 2.84
CA VAL F 5 16.09 -2.87 2.61
C VAL F 5 16.83 -3.62 3.73
N GLU F 6 16.08 -4.44 4.47
CA GLU F 6 16.66 -5.36 5.46
C GLU F 6 16.93 -6.73 4.88
N SER F 7 17.92 -7.41 5.43
CA SER F 7 18.15 -8.80 5.06
C SER F 7 18.84 -9.49 6.21
N GLY F 8 18.89 -10.80 6.11
CA GLY F 8 19.75 -11.62 6.93
C GLY F 8 19.09 -12.42 8.00
N GLY F 9 17.77 -12.38 8.10
CA GLY F 9 17.05 -13.13 9.16
C GLY F 9 16.95 -14.62 8.88
N GLY F 10 16.06 -15.27 9.62
CA GLY F 10 15.73 -16.66 9.37
C GLY F 10 15.64 -17.47 10.64
N LEU F 11 15.83 -18.79 10.47
CA LEU F 11 15.78 -19.73 11.57
C LEU F 11 17.18 -20.14 11.95
N VAL F 12 17.44 -20.11 13.24
CA VAL F 12 18.72 -20.47 13.78
C VAL F 12 18.52 -21.21 15.13
N GLN F 13 19.46 -22.10 15.44
CA GLN F 13 19.46 -22.88 16.69
C GLN F 13 19.93 -22.00 17.85
N ALA F 14 19.36 -22.19 19.05
CA ALA F 14 19.74 -21.36 20.21
C ALA F 14 21.27 -21.40 20.44
N GLY F 15 21.84 -20.24 20.73
CA GLY F 15 23.30 -20.05 20.78
C GLY F 15 23.98 -19.65 19.47
N GLY F 16 23.30 -19.84 18.34
CA GLY F 16 23.83 -19.45 17.01
C GLY F 16 23.80 -17.95 16.75
N SER F 17 24.21 -17.59 15.53
CA SER F 17 24.42 -16.19 15.14
C SER F 17 23.67 -15.80 13.85
N LEU F 18 23.21 -14.55 13.80
CA LEU F 18 22.62 -13.94 12.58
C LEU F 18 23.17 -12.54 12.36
N ARG F 19 23.39 -12.17 11.09
CA ARG F 19 23.90 -10.86 10.73
C ARG F 19 22.85 -10.11 9.92
N LEU F 20 22.02 -9.34 10.62
CA LEU F 20 21.04 -8.48 9.94
C LEU F 20 21.75 -7.29 9.31
N SER F 21 21.33 -6.92 8.10
CA SER F 21 21.87 -5.74 7.40
C SER F 21 20.74 -4.81 7.18
N CYS F 22 21.03 -3.54 7.04
CA CYS F 22 20.03 -2.62 6.55
C CYS F 22 20.64 -1.62 5.57
N ALA F 23 20.21 -1.74 4.31
CA ALA F 23 20.83 -1.02 3.20
C ALA F 23 19.90 0.11 2.72
N ALA F 24 20.37 1.35 2.87
CA ALA F 24 19.60 2.48 2.43
C ALA F 24 19.92 2.80 0.97
N SER F 25 18.91 3.22 0.22
CA SER F 25 19.11 3.73 -1.16
C SER F 25 19.86 5.06 -1.28
N GLY F 26 20.06 5.77 -0.16
CA GLY F 26 20.92 6.96 -0.12
C GLY F 26 21.76 7.02 1.14
N SER F 27 22.57 8.08 1.24
CA SER F 27 23.52 8.30 2.35
C SER F 27 22.91 8.84 3.68
N ILE F 28 21.80 8.26 4.11
CA ILE F 28 21.09 8.76 5.26
C ILE F 28 21.81 8.43 6.56
N PHE F 29 22.46 7.26 6.59
CA PHE F 29 23.16 6.84 7.83
C PHE F 29 24.33 7.76 8.18
N SER F 30 24.91 8.44 7.19
CA SER F 30 26.05 9.28 7.44
C SER F 30 25.73 10.63 8.10
N ILE F 31 24.49 11.07 8.11
CA ILE F 31 24.13 12.31 8.84
C ILE F 31 22.95 12.16 9.81
N ASN F 32 22.61 10.91 10.17
CA ASN F 32 21.59 10.67 11.20
C ASN F 32 21.89 9.45 12.00
N ALA F 33 21.41 9.47 13.24
CA ALA F 33 21.37 8.26 14.07
C ALA F 33 20.36 7.31 13.46
N MET F 34 20.53 6.00 13.70
CA MET F 34 19.52 5.03 13.36
C MET F 34 19.33 4.08 14.52
N GLY F 35 18.29 3.24 14.43
CA GLY F 35 17.86 2.34 15.51
C GLY F 35 17.35 1.03 14.95
N TRP F 36 17.69 -0.07 15.62
CA TRP F 36 17.11 -1.37 15.32
C TRP F 36 16.07 -1.69 16.40
N TYR F 37 14.87 -2.06 15.97
CA TYR F 37 13.76 -2.34 16.86
C TYR F 37 13.33 -3.77 16.62
N ARG F 38 12.60 -4.33 17.56
CA ARG F 38 12.02 -5.64 17.36
C ARG F 38 10.61 -5.71 18.01
N GLN F 39 9.79 -6.61 17.46
CA GLN F 39 8.42 -6.85 17.92
C GLN F 39 8.12 -8.34 17.88
N ALA F 40 8.06 -8.96 19.04
CA ALA F 40 7.71 -10.38 19.16
C ALA F 40 6.19 -10.57 19.00
N PRO F 41 5.75 -11.82 18.70
CA PRO F 41 4.30 -12.10 18.58
C PRO F 41 3.45 -11.56 19.77
N GLY F 42 2.69 -10.49 19.49
CA GLY F 42 1.77 -9.89 20.47
C GLY F 42 2.40 -9.17 21.65
N LYS F 43 3.62 -8.63 21.51
CA LYS F 43 4.16 -7.62 22.45
C LYS F 43 4.36 -6.32 21.70
N GLN F 44 4.69 -5.27 22.44
CA GLN F 44 5.04 -3.98 21.86
C GLN F 44 6.45 -3.96 21.26
N ARG F 45 6.58 -3.21 20.18
CA ARG F 45 7.86 -2.83 19.58
C ARG F 45 8.80 -2.17 20.60
N GLU F 46 10.02 -2.66 20.69
CA GLU F 46 11.04 -2.08 21.57
C GLU F 46 12.35 -1.80 20.82
N LEU F 47 13.06 -0.76 21.25
CA LEU F 47 14.44 -0.54 20.80
C LEU F 47 15.36 -1.69 21.25
N VAL F 48 16.34 -1.99 20.43
CA VAL F 48 17.29 -3.08 20.66
C VAL F 48 18.73 -2.58 20.64
N ALA F 49 19.03 -1.70 19.69
CA ALA F 49 20.38 -1.21 19.47
C ALA F 49 20.21 0.09 18.69
N ALA F 50 20.94 1.12 19.07
CA ALA F 50 20.90 2.40 18.37
C ALA F 50 22.32 2.91 18.17
N ILE F 51 22.53 3.74 17.15
CA ILE F 51 23.86 4.30 16.87
C ILE F 51 23.69 5.78 16.53
N THR F 52 24.44 6.64 17.20
CA THR F 52 24.39 8.08 16.94
C THR F 52 25.07 8.35 15.64
N ARG F 53 24.91 9.57 15.17
CA ARG F 53 25.59 9.99 13.94
C ARG F 53 27.12 9.83 14.04
N GLY F 54 27.68 10.15 15.21
CA GLY F 54 29.13 10.08 15.44
C GLY F 54 29.64 8.71 15.87
N GLY F 55 28.74 7.75 16.08
CA GLY F 55 29.12 6.35 16.20
C GLY F 55 28.97 5.71 17.57
N ARG F 56 28.43 6.47 18.53
CA ARG F 56 28.19 5.91 19.86
C ARG F 56 27.00 4.95 19.78
N THR F 57 27.24 3.71 20.22
CA THR F 57 26.21 2.70 20.28
C THR F 57 25.53 2.67 21.64
N ASN F 58 24.38 2.02 21.69
CA ASN F 58 23.62 1.82 22.93
C ASN F 58 22.60 0.69 22.68
N TYR F 59 22.53 -0.25 23.62
CA TYR F 59 21.76 -1.48 23.51
C TYR F 59 20.74 -1.64 24.65
N ALA F 60 19.67 -2.39 24.41
CA ALA F 60 18.77 -2.79 25.49
C ALA F 60 19.51 -3.77 26.38
N ASP F 61 19.19 -3.79 27.69
CA ASP F 61 19.85 -4.69 28.63
C ASP F 61 19.77 -6.19 28.28
N SER F 62 18.67 -6.66 27.70
CA SER F 62 18.54 -8.10 27.34
C SER F 62 19.55 -8.58 26.29
N VAL F 63 20.06 -7.64 25.47
CA VAL F 63 21.02 -8.00 24.42
C VAL F 63 22.48 -7.54 24.62
N LYS F 64 22.71 -6.61 25.56
CA LYS F 64 24.05 -6.05 25.83
C LYS F 64 25.11 -7.14 25.83
N GLY F 65 26.17 -6.95 25.05
CA GLY F 65 27.28 -7.94 24.94
C GLY F 65 27.15 -9.03 23.90
N ARG F 66 25.92 -9.36 23.50
CA ARG F 66 25.65 -10.35 22.46
C ARG F 66 25.38 -9.73 21.07
N PHE F 67 24.84 -8.50 21.05
CA PHE F 67 24.41 -7.84 19.83
C PHE F 67 25.34 -6.66 19.65
N THR F 68 25.98 -6.57 18.51
CA THR F 68 26.87 -5.43 18.22
C THR F 68 26.36 -4.73 16.97
N LEU F 69 26.15 -3.41 17.04
CA LEU F 69 25.64 -2.61 15.90
C LEU F 69 26.77 -1.85 15.21
N SER F 70 27.09 -2.19 13.96
CA SER F 70 28.18 -1.51 13.19
C SER F 70 27.61 -0.81 11.93
N ARG F 71 28.46 -0.06 11.25
CA ARG F 71 28.03 0.82 10.15
C ARG F 71 29.09 0.93 9.06
N ASP F 72 28.70 0.78 7.80
CA ASP F 72 29.60 1.10 6.68
C ASP F 72 28.97 2.22 5.84
N ASN F 73 29.33 3.47 6.15
CA ASN F 73 28.76 4.61 5.41
C ASN F 73 29.02 4.56 3.92
N ALA F 74 30.17 4.03 3.51
CA ALA F 74 30.53 4.04 2.08
C ALA F 74 29.65 3.11 1.24
N LYS F 75 28.88 2.22 1.88
CA LYS F 75 27.82 1.53 1.15
C LYS F 75 26.45 1.61 1.81
N ASN F 76 26.19 2.72 2.51
CA ASN F 76 24.86 3.04 3.03
C ASN F 76 24.19 1.87 3.75
N THR F 77 24.99 1.18 4.56
CA THR F 77 24.56 -0.01 5.24
C THR F 77 24.95 0.06 6.71
N VAL F 78 24.10 -0.56 7.53
CA VAL F 78 24.39 -0.82 8.92
C VAL F 78 24.20 -2.30 9.15
N TYR F 79 24.81 -2.82 10.19
CA TYR F 79 24.76 -4.26 10.47
C TYR F 79 24.46 -4.46 11.95
N LEU F 80 23.65 -5.45 12.25
CA LEU F 80 23.39 -5.86 13.62
C LEU F 80 23.84 -7.30 13.71
N GLN F 81 25.04 -7.52 14.26
CA GLN F 81 25.56 -8.87 14.50
C GLN F 81 24.94 -9.35 15.78
N MET F 82 24.24 -10.49 15.71
CA MET F 82 23.53 -11.01 16.85
C MET F 82 24.13 -12.37 17.16
N ASN F 83 24.83 -12.46 18.29
CA ASN F 83 25.53 -13.70 18.67
C ASN F 83 24.85 -14.33 19.87
N SER F 84 25.12 -15.64 20.08
CA SER F 84 24.55 -16.44 21.18
C SER F 84 23.07 -16.13 21.42
N LEU F 85 22.29 -16.48 20.41
CA LEU F 85 20.89 -16.10 20.38
C LEU F 85 20.11 -17.02 21.30
N LYS F 86 19.04 -16.48 21.86
CA LYS F 86 18.16 -17.22 22.75
C LYS F 86 16.75 -17.21 22.20
N PRO F 87 15.89 -18.12 22.68
CA PRO F 87 14.47 -18.14 22.30
C PRO F 87 13.74 -16.79 22.40
N GLU F 88 14.00 -15.99 23.45
CA GLU F 88 13.28 -14.71 23.64
C GLU F 88 13.67 -13.57 22.68
N ASP F 89 14.73 -13.77 21.89
CA ASP F 89 15.11 -12.83 20.81
C ASP F 89 14.29 -13.04 19.53
N THR F 90 13.51 -14.12 19.48
CA THR F 90 12.56 -14.37 18.39
C THR F 90 11.56 -13.22 18.28
N ALA F 91 11.48 -12.63 17.09
CA ALA F 91 10.70 -11.43 16.81
C ALA F 91 10.86 -10.99 15.35
N VAL F 92 10.11 -9.94 14.99
CA VAL F 92 10.35 -9.20 13.74
C VAL F 92 11.24 -8.01 14.07
N TYR F 93 12.39 -7.93 13.41
CA TYR F 93 13.38 -6.83 13.58
C TYR F 93 13.22 -5.81 12.47
N TYR F 94 13.23 -4.52 12.83
CA TYR F 94 13.01 -3.44 11.90
C TYR F 94 14.16 -2.48 11.95
N CYS F 95 14.54 -2.04 10.77
CA CYS F 95 15.52 -1.01 10.59
C CYS F 95 14.77 0.36 10.62
N ASN F 96 15.32 1.41 11.28
CA ASN F 96 14.62 2.70 11.38
C ASN F 96 15.52 3.93 11.35
N VAL F 97 15.10 4.97 10.63
CA VAL F 97 15.73 6.29 10.71
C VAL F 97 14.62 7.30 10.90
N GLY F 98 14.73 8.11 11.94
CA GLY F 98 13.75 9.17 12.18
C GLY F 98 12.64 8.82 13.14
N ARG F 99 12.79 7.68 13.83
CA ARG F 99 11.82 7.23 14.84
C ARG F 99 10.40 7.04 14.30
N SER F 100 9.37 7.45 15.05
CA SER F 100 7.98 7.17 14.66
C SER F 100 7.54 8.09 13.55
N ARG F 101 8.14 9.28 13.50
CA ARG F 101 7.96 10.18 12.36
C ARG F 101 8.72 9.74 11.07
N GLY F 102 9.51 8.68 11.13
CA GLY F 102 10.52 8.38 10.11
C GLY F 102 10.30 7.18 9.21
N TYR F 103 11.43 6.58 8.80
CA TYR F 103 11.48 5.55 7.76
C TYR F 103 11.74 4.20 8.40
N TRP F 104 10.97 3.20 7.98
CA TRP F 104 11.05 1.84 8.49
C TRP F 104 11.25 0.85 7.34
N GLY F 105 11.95 -0.24 7.59
CA GLY F 105 11.95 -1.37 6.67
C GLY F 105 10.71 -2.20 6.92
N GLN F 106 10.53 -3.24 6.10
CA GLN F 106 9.34 -4.10 6.19
C GLN F 106 9.30 -5.04 7.40
N GLY F 107 10.48 -5.30 7.97
CA GLY F 107 10.62 -6.27 9.04
C GLY F 107 11.33 -7.53 8.54
N THR F 108 12.27 -8.02 9.35
CA THR F 108 12.91 -9.29 9.12
C THR F 108 12.57 -10.20 10.30
N GLN F 109 12.01 -11.37 10.02
CA GLN F 109 11.66 -12.34 11.05
C GLN F 109 12.93 -13.12 11.44
N VAL F 110 13.15 -13.18 12.75
CA VAL F 110 14.23 -13.93 13.38
C VAL F 110 13.57 -14.97 14.26
N THR F 111 13.91 -16.23 14.04
CA THR F 111 13.35 -17.34 14.80
C THR F 111 14.48 -18.18 15.44
N VAL F 112 14.38 -18.33 16.76
CA VAL F 112 15.41 -18.99 17.56
C VAL F 112 14.75 -20.16 18.28
N SER F 113 15.14 -21.37 17.91
CA SER F 113 14.52 -22.60 18.41
C SER F 113 15.45 -23.35 19.40
N SER F 114 14.84 -24.00 20.40
CA SER F 114 15.53 -24.99 21.28
C SER F 114 14.65 -26.25 21.38
UNK UNX G . -24.73 13.76 11.17
UNK UNX H . -21.84 14.43 12.18
UNK UNX I . -23.46 12.32 8.51
UNK UNX J . -24.17 14.87 8.71
UNK UNX K . -23.67 15.70 10.94
UNK UNX L . -23.01 16.96 7.65
UNK UNX M . -7.46 -24.95 9.80
UNK UNX N . -9.10 -25.31 11.80
UNK UNX O . -11.50 -26.06 11.45
UNK UNX P . -7.05 -27.13 11.66
UNK UNX Q . -9.41 -27.01 10.41
CL CL R . -10.42 -3.18 -14.77
#